data_1XHV
#
_entry.id   1XHV
#
_cell.length_a   66.8
_cell.length_b   178.2
_cell.length_c   257.3
_cell.angle_alpha   90.0
_cell.angle_beta   90.0
_cell.angle_gamma   90.0
#
_symmetry.space_group_name_H-M   'I 21 21 21'
#
loop_
_entity.id
_entity.type
_entity.pdbx_description
1 polymer "5'-D(*GP*CP*CP*GP*GP*TP*C)-3'"
2 polymer "5'-D(P*GP*AP*CP*CP*GP*G)-3'"
3 polymer 'Type II restriction enzyme HincII'
4 non-polymer 'MANGANESE (II) ION'
5 water water
#
loop_
_entity_poly.entity_id
_entity_poly.type
_entity_poly.pdbx_seq_one_letter_code
_entity_poly.pdbx_strand_id
1 'polydeoxyribonucleotide' (DG)(DC)(DC)(DG)(DG)(DT)(DC) E,G,I,K
2 'polydeoxyribonucleotide' (DG)(DA)(DC)(DC)(DG)(DG) F,H,J,L
3 'polypeptide(L)'
;SFIKPIYQDINSILIGQKVKRPKSGTLSGHAAGEPFEKLVYKFLKENLSDLTFKQYEYLNDLFMKNPAIIGHEARYKLFN
SPTLLFLLSRGKAATENWSIENLFEEKQNDTADILLVKDQFYELLDVKTRNISKSAQAPNIISAYKLAQTCAKMIDNKEF
DLFDINYLEVDWELNGEDLVCVSTSFAELFKSEPSELYINWAAAMQIQFHVRDLDQGFNGTREEWAKSYLKHFVTQAEQR
AISMIDKFVKPFKKYIL
;
A,B,C,D
#
loop_
_chem_comp.id
_chem_comp.type
_chem_comp.name
_chem_comp.formula
DA DNA linking 2'-DEOXYADENOSINE-5'-MONOPHOSPHATE 'C10 H14 N5 O6 P'
DC DNA linking 2'-DEOXYCYTIDINE-5'-MONOPHOSPHATE 'C9 H14 N3 O7 P'
DG DNA linking 2'-DEOXYGUANOSINE-5'-MONOPHOSPHATE 'C10 H14 N5 O7 P'
DT DNA linking THYMIDINE-5'-MONOPHOSPHATE 'C10 H15 N2 O8 P'
MN non-polymer 'MANGANESE (II) ION' 'Mn 2'
#
# COMPACT_ATOMS: atom_id res chain seq x y z
N SER I 1 -9.12 34.19 -7.68
CA SER I 1 -9.31 33.50 -8.99
C SER I 1 -10.43 34.18 -9.77
N PHE I 2 -10.25 34.25 -11.09
CA PHE I 2 -11.24 34.84 -11.97
C PHE I 2 -12.31 33.79 -12.26
N ILE I 3 -12.06 32.54 -11.93
CA ILE I 3 -13.04 31.53 -12.28
C ILE I 3 -13.88 31.05 -11.09
N LYS I 4 -13.31 31.15 -9.89
CA LYS I 4 -13.99 30.73 -8.69
C LYS I 4 -15.33 31.47 -8.53
N PRO I 5 -15.37 32.78 -8.86
CA PRO I 5 -16.64 33.49 -8.73
C PRO I 5 -17.76 32.85 -9.55
N ILE I 6 -17.42 32.22 -10.68
CA ILE I 6 -18.44 31.59 -11.52
C ILE I 6 -18.38 30.07 -11.56
N TYR I 7 -17.74 29.48 -10.56
CA TYR I 7 -17.61 28.03 -10.45
C TYR I 7 -18.97 27.34 -10.46
N GLN I 8 -19.95 27.93 -9.76
CA GLN I 8 -21.28 27.35 -9.71
C GLN I 8 -21.87 27.33 -11.12
N ASP I 9 -21.66 28.41 -11.87
CA ASP I 9 -22.17 28.49 -13.24
C ASP I 9 -21.50 27.51 -14.20
N ILE I 10 -20.23 27.20 -13.95
CA ILE I 10 -19.55 26.25 -14.81
C ILE I 10 -20.03 24.87 -14.41
N ASN I 11 -20.13 24.69 -13.11
CA ASN I 11 -20.56 23.43 -12.61
C ASN I 11 -21.96 23.06 -13.08
N SER I 12 -22.85 24.03 -13.10
CA SER I 12 -24.22 23.77 -13.49
C SER I 12 -24.38 23.52 -14.97
N ILE I 13 -23.42 23.94 -15.78
CA ILE I 13 -23.52 23.68 -17.20
C ILE I 13 -22.86 22.34 -17.59
N LEU I 14 -21.97 21.81 -16.76
CA LEU I 14 -21.31 20.53 -17.04
C LEU I 14 -22.05 19.31 -16.44
N ILE I 15 -22.55 19.44 -15.21
CA ILE I 15 -23.21 18.30 -14.59
C ILE I 15 -24.44 17.80 -15.34
N GLY I 16 -24.34 16.57 -15.85
CA GLY I 16 -25.46 15.97 -16.56
C GLY I 16 -25.43 15.99 -18.07
N GLN I 17 -24.61 16.86 -18.64
CA GLN I 17 -24.48 17.00 -20.08
C GLN I 17 -23.87 15.74 -20.72
N LYS I 18 -24.54 15.21 -21.73
CA LYS I 18 -24.05 14.03 -22.44
C LYS I 18 -23.27 14.44 -23.68
N VAL I 19 -22.37 13.59 -24.14
CA VAL I 19 -21.60 13.87 -25.34
C VAL I 19 -21.43 12.52 -26.01
N LYS I 20 -21.70 12.46 -27.31
CA LYS I 20 -21.59 11.20 -28.02
C LYS I 20 -20.12 10.78 -28.03
N ARG I 21 -19.88 9.50 -27.78
CA ARG I 21 -18.52 8.93 -27.77
C ARG I 21 -17.77 9.23 -29.06
N PRO I 22 -16.49 8.81 -29.15
CA PRO I 22 -15.73 9.06 -30.39
C PRO I 22 -16.17 8.15 -31.54
N THR I 26 -12.90 2.35 -27.34
CA THR I 26 -11.52 2.55 -26.92
C THR I 26 -11.39 3.55 -25.77
N LEU I 27 -11.55 4.83 -26.07
CA LEU I 27 -11.47 5.90 -25.06
C LEU I 27 -10.18 5.89 -24.24
N SER I 28 -9.14 6.53 -24.77
CA SER I 28 -7.85 6.58 -24.08
C SER I 28 -7.94 7.32 -22.74
N GLY I 29 -9.13 7.82 -22.41
CA GLY I 29 -9.26 8.55 -21.18
C GLY I 29 -8.95 10.00 -21.50
N HIS I 30 -7.80 10.22 -22.13
CA HIS I 30 -7.41 11.56 -22.52
C HIS I 30 -8.37 12.03 -23.60
N ALA I 31 -8.50 11.20 -24.63
CA ALA I 31 -9.38 11.49 -25.75
C ALA I 31 -10.82 11.50 -25.26
N ALA I 32 -11.06 10.91 -24.09
CA ALA I 32 -12.40 10.85 -23.56
C ALA I 32 -12.85 12.14 -22.88
N GLY I 33 -11.99 12.73 -22.04
CA GLY I 33 -12.39 13.95 -21.36
C GLY I 33 -12.34 15.21 -22.21
N GLU I 34 -11.41 15.25 -23.13
CA GLU I 34 -11.23 16.38 -24.01
C GLU I 34 -12.50 17.20 -24.33
N PRO I 35 -13.60 16.52 -24.70
CA PRO I 35 -14.82 17.28 -25.00
C PRO I 35 -15.36 18.16 -23.86
N PHE I 36 -15.21 17.71 -22.62
CA PHE I 36 -15.68 18.51 -21.50
C PHE I 36 -14.77 19.71 -21.35
N GLU I 37 -13.56 19.59 -21.87
CA GLU I 37 -12.63 20.70 -21.78
C GLU I 37 -13.07 21.74 -22.81
N LYS I 38 -13.55 21.26 -23.96
CA LYS I 38 -14.04 22.16 -24.99
C LYS I 38 -15.19 22.97 -24.41
N LEU I 39 -16.05 22.30 -23.64
CA LEU I 39 -17.19 22.93 -22.96
C LEU I 39 -16.76 23.97 -21.97
N VAL I 40 -15.73 23.68 -21.19
CA VAL I 40 -15.28 24.67 -20.22
C VAL I 40 -14.73 25.87 -20.96
N TYR I 41 -13.87 25.64 -21.96
CA TYR I 41 -13.33 26.77 -22.70
C TYR I 41 -14.48 27.62 -23.30
N LYS I 42 -15.32 27.00 -24.13
CA LYS I 42 -16.45 27.70 -24.76
C LYS I 42 -17.29 28.53 -23.80
N PHE I 43 -17.56 27.95 -22.64
CA PHE I 43 -18.36 28.63 -21.64
C PHE I 43 -17.67 29.86 -21.12
N LEU I 44 -16.36 29.74 -20.93
CA LEU I 44 -15.57 30.85 -20.40
C LEU I 44 -15.44 31.91 -21.46
N LYS I 45 -15.40 31.46 -22.72
CA LYS I 45 -15.24 32.37 -23.83
C LYS I 45 -16.45 33.26 -24.09
N GLU I 46 -17.63 32.84 -23.65
CA GLU I 46 -18.84 33.62 -23.88
C GLU I 46 -19.34 34.36 -22.65
N ASN I 47 -18.74 34.08 -21.49
CA ASN I 47 -19.13 34.72 -20.24
C ASN I 47 -18.04 35.60 -19.67
N LEU I 48 -16.79 35.18 -19.86
CA LEU I 48 -15.67 35.97 -19.40
C LEU I 48 -14.84 36.17 -20.66
N SER I 49 -15.52 36.55 -21.73
CA SER I 49 -14.90 36.72 -23.05
C SER I 49 -13.64 37.60 -23.20
N ASP I 50 -13.63 38.79 -22.62
CA ASP I 50 -12.48 39.66 -22.77
C ASP I 50 -11.23 39.17 -22.05
N LEU I 51 -11.36 38.12 -21.23
CA LEU I 51 -10.18 37.64 -20.52
C LEU I 51 -9.80 36.17 -20.66
N THR I 52 -10.48 35.45 -21.55
CA THR I 52 -10.23 34.02 -21.73
C THR I 52 -9.39 33.77 -22.98
N PHE I 53 -8.41 32.88 -22.87
CA PHE I 53 -7.51 32.57 -23.97
C PHE I 53 -6.89 31.21 -23.80
N LYS I 54 -6.60 30.56 -24.93
CA LYS I 54 -5.88 29.30 -24.94
C LYS I 54 -4.46 29.86 -24.92
N GLN I 55 -3.54 29.23 -24.21
CA GLN I 55 -2.16 29.74 -24.16
C GLN I 55 -1.62 30.24 -25.49
N TYR I 56 -1.68 29.41 -26.52
CA TYR I 56 -1.17 29.84 -27.83
C TYR I 56 -1.98 31.02 -28.36
N GLU I 57 -3.27 31.03 -28.08
CA GLU I 57 -4.10 32.13 -28.54
C GLU I 57 -3.59 33.48 -27.98
N TYR I 58 -3.26 33.51 -26.70
CA TYR I 58 -2.76 34.71 -26.04
C TYR I 58 -1.47 35.19 -26.70
N LEU I 59 -0.60 34.23 -27.00
CA LEU I 59 0.67 34.53 -27.65
C LEU I 59 0.43 35.16 -29.01
N ASN I 60 -0.47 34.56 -29.80
CA ASN I 60 -0.74 35.13 -31.13
C ASN I 60 -1.27 36.55 -30.94
N ASP I 61 -2.31 36.71 -30.12
CA ASP I 61 -2.86 38.03 -29.88
C ASP I 61 -1.75 39.01 -29.45
N LEU I 62 -0.90 38.57 -28.52
CA LEU I 62 0.21 39.37 -28.00
C LEU I 62 1.14 39.89 -29.07
N PHE I 63 1.51 39.03 -30.01
CA PHE I 63 2.40 39.42 -31.06
C PHE I 63 1.73 40.24 -32.13
N MET I 64 0.50 39.86 -32.51
CA MET I 64 -0.20 40.64 -33.53
C MET I 64 -0.31 42.11 -33.12
N LYS I 65 -0.58 42.35 -31.84
CA LYS I 65 -0.71 43.71 -31.32
C LYS I 65 0.58 44.53 -31.41
N ASN I 66 1.71 43.87 -31.65
CA ASN I 66 2.99 44.58 -31.72
C ASN I 66 3.70 44.16 -32.98
N PRO I 67 3.03 44.30 -34.13
CA PRO I 67 3.61 43.93 -35.42
C PRO I 67 5.04 44.40 -35.67
N ALA I 68 5.36 45.62 -35.28
CA ALA I 68 6.71 46.13 -35.51
C ALA I 68 7.77 45.33 -34.75
N ILE I 69 7.35 44.60 -33.72
CA ILE I 69 8.30 43.82 -32.93
C ILE I 69 8.69 42.49 -33.59
N ILE I 70 9.84 42.47 -34.25
CA ILE I 70 10.26 41.23 -34.87
C ILE I 70 11.59 40.80 -34.27
N GLY I 71 11.87 39.51 -34.38
CA GLY I 71 13.08 38.96 -33.79
C GLY I 71 12.66 38.43 -32.43
N HIS I 72 13.22 37.33 -32.00
CA HIS I 72 12.81 36.76 -30.72
C HIS I 72 13.07 37.59 -29.46
N GLU I 73 14.23 38.21 -29.36
CA GLU I 73 14.56 39.02 -28.19
C GLU I 73 13.51 40.11 -27.97
N ALA I 74 13.24 40.83 -29.04
CA ALA I 74 12.28 41.92 -29.00
C ALA I 74 10.90 41.38 -28.60
N ARG I 75 10.53 40.24 -29.16
CA ARG I 75 9.26 39.61 -28.85
C ARG I 75 9.25 39.07 -27.42
N TYR I 76 10.41 38.65 -26.93
CA TYR I 76 10.50 38.14 -25.56
C TYR I 76 10.39 39.30 -24.57
N LYS I 77 10.75 40.50 -25.01
CA LYS I 77 10.68 41.67 -24.15
C LYS I 77 9.21 42.01 -23.88
N LEU I 78 8.35 41.58 -24.79
CA LEU I 78 6.92 41.87 -24.71
C LEU I 78 6.22 41.23 -23.52
N PHE I 79 6.88 40.31 -22.83
CA PHE I 79 6.27 39.67 -21.68
C PHE I 79 6.41 40.52 -20.39
N ASN I 80 7.51 41.26 -20.29
CA ASN I 80 7.76 42.12 -19.14
C ASN I 80 7.82 41.36 -17.82
N SER I 81 8.14 40.06 -17.90
CA SER I 81 8.23 39.25 -16.70
C SER I 81 9.05 37.97 -16.94
N PRO I 82 10.14 37.81 -16.20
CA PRO I 82 10.93 36.59 -16.43
C PRO I 82 10.08 35.35 -16.12
N THR I 83 9.32 35.41 -15.03
CA THR I 83 8.52 34.27 -14.66
C THR I 83 7.51 33.90 -15.71
N LEU I 84 6.71 34.87 -16.14
CA LEU I 84 5.70 34.61 -17.15
C LEU I 84 6.33 34.16 -18.46
N LEU I 85 7.53 34.64 -18.73
CA LEU I 85 8.20 34.25 -19.96
C LEU I 85 8.51 32.77 -19.84
N PHE I 86 9.12 32.39 -18.73
CA PHE I 86 9.49 31.00 -18.49
C PHE I 86 8.30 30.04 -18.56
N LEU I 87 7.15 30.48 -18.06
CA LEU I 87 5.98 29.65 -18.03
C LEU I 87 5.14 29.70 -19.32
N LEU I 88 5.23 30.79 -20.08
CA LEU I 88 4.40 30.94 -21.27
C LEU I 88 4.98 31.00 -22.65
N SER I 89 6.31 31.17 -22.76
CA SER I 89 7.04 31.30 -24.03
C SER I 89 7.24 30.05 -24.90
N ARG I 90 7.43 30.27 -26.21
CA ARG I 90 7.59 29.19 -27.20
C ARG I 90 8.97 28.91 -27.88
N GLY I 91 10.05 28.76 -27.13
CA GLY I 91 11.33 28.49 -27.76
C GLY I 91 11.88 29.56 -28.70
N LYS I 92 13.19 29.58 -28.88
CA LYS I 92 13.80 30.58 -29.73
C LYS I 92 13.42 30.49 -31.21
N ALA I 93 13.70 29.37 -31.84
CA ALA I 93 13.39 29.21 -33.25
C ALA I 93 11.93 29.55 -33.57
N ALA I 94 11.00 29.02 -32.79
CA ALA I 94 9.57 29.29 -33.05
C ALA I 94 9.16 30.75 -32.88
N THR I 95 9.65 31.38 -31.82
CA THR I 95 9.33 32.78 -31.56
C THR I 95 9.79 33.66 -32.74
N GLU I 96 10.97 33.35 -33.26
CA GLU I 96 11.58 34.05 -34.40
C GLU I 96 10.80 33.80 -35.70
N ASN I 97 10.38 32.56 -35.90
CA ASN I 97 9.66 32.23 -37.12
C ASN I 97 8.18 32.53 -37.13
N TRP I 98 7.70 33.22 -36.10
CA TRP I 98 6.28 33.57 -36.02
C TRP I 98 5.92 34.75 -36.92
N SER I 99 4.80 34.62 -37.63
CA SER I 99 4.27 35.69 -38.49
C SER I 99 2.76 35.53 -38.51
N ILE I 100 2.07 36.45 -39.16
CA ILE I 100 0.62 36.38 -39.22
C ILE I 100 0.18 35.31 -40.24
N GLU I 101 1.16 34.70 -40.90
CA GLU I 101 0.91 33.66 -41.88
C GLU I 101 1.39 32.34 -41.29
N ASN I 102 1.96 32.45 -40.10
CA ASN I 102 2.50 31.31 -39.39
C ASN I 102 2.27 31.52 -37.88
N LEU I 103 1.01 31.41 -37.45
CA LEU I 103 0.64 31.58 -36.05
C LEU I 103 0.96 30.35 -35.22
N PHE I 104 1.00 30.54 -33.91
CA PHE I 104 1.24 29.43 -33.00
C PHE I 104 -0.02 28.59 -32.95
N GLU I 105 0.18 27.31 -32.66
CA GLU I 105 -0.90 26.35 -32.52
C GLU I 105 -0.75 25.72 -31.14
N GLU I 106 -1.64 24.82 -30.78
CA GLU I 106 -1.54 24.20 -29.47
C GLU I 106 -0.25 23.37 -29.43
N LYS I 107 0.42 23.38 -28.30
CA LYS I 107 1.64 22.59 -28.13
C LYS I 107 1.38 21.67 -26.94
N GLN I 108 1.71 20.39 -27.10
CA GLN I 108 1.49 19.37 -26.09
C GLN I 108 2.05 19.77 -24.73
N ASN I 109 3.14 20.52 -24.80
CA ASN I 109 3.94 21.05 -23.69
C ASN I 109 3.32 22.21 -22.92
N ASP I 110 2.44 22.98 -23.55
CA ASP I 110 1.89 24.16 -22.90
C ASP I 110 1.57 24.02 -21.42
N THR I 111 2.15 24.91 -20.62
CA THR I 111 1.96 24.90 -19.19
C THR I 111 0.50 24.95 -18.75
N ALA I 112 -0.28 25.78 -19.44
CA ALA I 112 -1.69 25.96 -19.13
C ALA I 112 -2.63 25.57 -20.26
N ASP I 113 -3.82 25.08 -19.89
CA ASP I 113 -4.84 24.73 -20.86
C ASP I 113 -5.55 26.02 -21.24
N ILE I 114 -5.85 26.82 -20.22
CA ILE I 114 -6.56 28.07 -20.38
C ILE I 114 -5.86 29.13 -19.57
N LEU I 115 -5.92 30.37 -20.05
CA LEU I 115 -5.26 31.50 -19.38
C LEU I 115 -6.25 32.64 -19.26
N LEU I 116 -6.60 33.01 -18.03
CA LEU I 116 -7.54 34.10 -17.82
C LEU I 116 -6.71 35.29 -17.31
N VAL I 117 -6.96 36.46 -17.86
CA VAL I 117 -6.17 37.59 -17.42
C VAL I 117 -6.91 38.92 -17.43
N LYS I 118 -6.60 39.73 -16.43
CA LYS I 118 -7.23 41.04 -16.27
C LYS I 118 -6.35 41.90 -15.38
N ASP I 119 -6.29 43.20 -15.69
CA ASP I 119 -5.50 44.15 -14.91
C ASP I 119 -4.09 43.67 -14.59
N GLN I 120 -3.36 43.25 -15.62
CA GLN I 120 -2.00 42.79 -15.44
C GLN I 120 -1.86 41.49 -14.62
N PHE I 121 -2.96 40.89 -14.18
CA PHE I 121 -2.86 39.64 -13.43
C PHE I 121 -3.27 38.39 -14.24
N TYR I 122 -2.51 37.31 -14.09
CA TYR I 122 -2.79 36.10 -14.85
C TYR I 122 -3.22 34.89 -14.05
N GLU I 123 -4.26 34.21 -14.53
CA GLU I 123 -4.70 32.98 -13.87
C GLU I 123 -4.36 31.80 -14.80
N LEU I 124 -3.43 30.94 -14.39
CA LEU I 124 -3.11 29.78 -15.24
C LEU I 124 -4.06 28.65 -14.86
N LEU I 125 -4.94 28.29 -15.79
CA LEU I 125 -5.95 27.27 -15.53
C LEU I 125 -5.73 25.93 -16.22
N ASP I 126 -5.68 24.87 -15.41
CA ASP I 126 -5.50 23.53 -15.94
C ASP I 126 -6.74 22.72 -15.66
N VAL I 127 -7.29 22.08 -16.66
CA VAL I 127 -8.49 21.30 -16.41
C VAL I 127 -8.17 19.83 -16.58
N LYS I 128 -8.29 19.08 -15.49
CA LYS I 128 -7.99 17.65 -15.50
C LYS I 128 -9.29 16.87 -15.61
N THR I 129 -9.25 15.76 -16.35
CA THR I 129 -10.46 14.98 -16.51
C THR I 129 -10.22 13.64 -15.85
N ARG I 130 -11.28 13.11 -15.26
CA ARG I 130 -11.20 11.85 -14.53
C ARG I 130 -12.37 10.89 -14.81
N ASN I 131 -12.02 9.67 -15.19
CA ASN I 131 -12.99 8.62 -15.44
C ASN I 131 -13.37 8.07 -14.05
N ILE I 132 -14.48 8.55 -13.48
CA ILE I 132 -14.91 8.17 -12.14
C ILE I 132 -15.39 6.74 -12.02
N SER I 133 -15.42 6.02 -13.13
CA SER I 133 -15.86 4.63 -13.08
C SER I 133 -14.73 3.75 -12.53
N LYS I 134 -13.62 4.39 -12.16
CA LYS I 134 -12.51 3.64 -11.61
C LYS I 134 -11.79 4.47 -10.57
N SER I 135 -11.04 3.78 -9.71
CA SER I 135 -10.28 4.41 -8.64
C SER I 135 -8.83 4.25 -9.02
N ALA I 136 -8.27 5.33 -9.55
CA ALA I 136 -6.90 5.30 -10.01
C ALA I 136 -6.02 6.21 -9.28
N GLN I 137 -4.73 6.03 -9.53
CA GLN I 137 -3.71 6.84 -8.91
C GLN I 137 -3.96 8.32 -9.24
N ALA I 138 -3.47 9.18 -8.37
CA ALA I 138 -3.60 10.63 -8.55
C ALA I 138 -2.85 10.96 -9.85
N PRO I 139 -3.46 11.75 -10.74
CA PRO I 139 -2.89 12.15 -12.03
C PRO I 139 -1.76 13.19 -11.96
N ASN I 140 -1.00 13.29 -13.05
CA ASN I 140 0.11 14.24 -13.19
C ASN I 140 -0.49 15.64 -13.14
N ILE I 141 0.03 16.49 -12.26
CA ILE I 141 -0.47 17.85 -12.13
C ILE I 141 0.39 18.88 -12.82
N ILE I 142 1.67 18.86 -12.51
CA ILE I 142 2.63 19.75 -13.10
C ILE I 142 4.01 19.27 -12.68
N SER I 143 5.01 19.51 -13.51
CA SER I 143 6.37 19.11 -13.16
C SER I 143 6.83 19.80 -11.88
N ALA I 144 7.45 19.05 -10.99
CA ALA I 144 7.94 19.62 -9.75
C ALA I 144 9.17 20.47 -10.07
N TYR I 145 9.93 20.06 -11.09
CA TYR I 145 11.14 20.78 -11.52
C TYR I 145 10.80 22.14 -12.09
N LYS I 146 9.79 22.18 -12.97
CA LYS I 146 9.31 23.44 -13.53
C LYS I 146 8.81 24.37 -12.41
N LEU I 147 8.08 23.79 -11.45
CA LEU I 147 7.55 24.55 -10.33
C LEU I 147 8.75 25.13 -9.57
N ALA I 148 9.74 24.28 -9.31
CA ALA I 148 10.93 24.72 -8.58
C ALA I 148 11.57 25.92 -9.27
N GLN I 149 11.71 25.85 -10.60
CA GLN I 149 12.31 26.95 -11.35
C GLN I 149 11.39 28.17 -11.28
N THR I 150 10.08 27.92 -11.22
CA THR I 150 9.13 29.00 -11.14
C THR I 150 9.30 29.74 -9.80
N CYS I 151 9.50 29.00 -8.72
CA CYS I 151 9.68 29.61 -7.42
C CYS I 151 11.00 30.39 -7.34
N ALA I 152 12.05 29.86 -7.97
CA ALA I 152 13.36 30.50 -7.97
C ALA I 152 13.27 31.85 -8.68
N LYS I 153 12.60 31.86 -9.83
CA LYS I 153 12.42 33.09 -10.59
C LYS I 153 11.55 34.10 -9.85
N MET I 154 10.54 33.62 -9.13
CA MET I 154 9.69 34.53 -8.37
C MET I 154 10.58 35.20 -7.33
N ILE I 155 11.25 34.39 -6.53
CA ILE I 155 12.12 34.92 -5.49
C ILE I 155 13.17 35.86 -6.05
N ASP I 156 13.83 35.45 -7.11
CA ASP I 156 14.86 36.28 -7.74
C ASP I 156 14.33 37.60 -8.27
N ASN I 157 13.12 37.62 -8.81
CA ASN I 157 12.56 38.84 -9.37
C ASN I 157 11.54 39.56 -8.51
N LYS I 158 11.24 38.98 -7.35
CA LYS I 158 10.26 39.58 -6.46
C LYS I 158 8.91 39.74 -7.19
N GLU I 159 8.50 38.67 -7.87
CA GLU I 159 7.22 38.65 -8.57
C GLU I 159 6.39 37.67 -7.76
N PHE I 160 5.67 38.20 -6.77
CA PHE I 160 4.85 37.38 -5.89
C PHE I 160 3.36 37.64 -5.99
N ASP I 161 2.97 38.56 -6.87
CA ASP I 161 1.56 38.91 -7.02
C ASP I 161 1.20 39.09 -8.48
N LEU I 162 1.73 38.20 -9.31
CA LEU I 162 1.50 38.30 -10.73
C LEU I 162 0.59 37.23 -11.33
N PHE I 163 0.67 36.01 -10.80
CA PHE I 163 -0.10 34.93 -11.37
C PHE I 163 -0.49 33.85 -10.35
N ASP I 164 -1.47 33.04 -10.74
CA ASP I 164 -1.98 31.97 -9.92
C ASP I 164 -2.10 30.74 -10.80
N ILE I 165 -1.99 29.56 -10.19
CA ILE I 165 -2.12 28.28 -10.91
C ILE I 165 -3.31 27.50 -10.29
N ASN I 166 -4.42 27.43 -11.02
CA ASN I 166 -5.60 26.72 -10.58
C ASN I 166 -6.03 25.49 -11.37
N TYR I 167 -6.64 24.55 -10.66
CA TYR I 167 -7.07 23.29 -11.24
C TYR I 167 -8.56 23.02 -11.13
N LEU I 168 -9.14 22.60 -12.24
CA LEU I 168 -10.55 22.26 -12.28
C LEU I 168 -10.57 20.78 -12.62
N GLU I 169 -11.28 19.97 -11.83
CA GLU I 169 -11.36 18.54 -12.10
C GLU I 169 -12.71 18.25 -12.72
N VAL I 170 -12.72 17.57 -13.86
CA VAL I 170 -13.99 17.22 -14.47
C VAL I 170 -14.16 15.72 -14.37
N ASP I 171 -15.14 15.29 -13.59
CA ASP I 171 -15.40 13.85 -13.43
C ASP I 171 -16.43 13.38 -14.44
N TRP I 172 -16.13 12.29 -15.14
CA TRP I 172 -17.06 11.76 -16.12
C TRP I 172 -17.21 10.24 -16.10
N GLU I 173 -18.14 9.72 -16.88
CA GLU I 173 -18.30 8.28 -16.96
C GLU I 173 -18.95 7.93 -18.27
N LEU I 174 -19.01 6.63 -18.53
CA LEU I 174 -19.60 6.10 -19.75
C LEU I 174 -20.99 5.64 -19.40
N ASN I 175 -21.98 6.16 -20.12
CA ASN I 175 -23.36 5.78 -19.89
C ASN I 175 -23.96 5.53 -21.28
N GLY I 176 -24.12 4.26 -21.64
CA GLY I 176 -24.67 3.95 -22.93
C GLY I 176 -23.73 4.34 -24.05
N GLU I 177 -24.24 5.05 -25.05
CA GLU I 177 -23.40 5.45 -26.18
C GLU I 177 -22.81 6.85 -25.98
N ASP I 178 -22.70 7.30 -24.74
CA ASP I 178 -22.18 8.63 -24.55
C ASP I 178 -21.57 8.92 -23.19
N LEU I 179 -20.74 9.95 -23.17
CA LEU I 179 -20.09 10.37 -21.95
C LEU I 179 -20.96 11.42 -21.25
N VAL I 180 -21.04 11.35 -19.93
CA VAL I 180 -21.80 12.33 -19.19
C VAL I 180 -20.86 12.83 -18.11
N CYS I 181 -21.09 14.05 -17.62
CA CYS I 181 -20.27 14.57 -16.52
C CYS I 181 -21.01 14.40 -15.17
N VAL I 182 -20.36 13.86 -14.16
CA VAL I 182 -21.03 13.65 -12.89
C VAL I 182 -20.69 14.58 -11.75
N SER I 183 -19.58 15.32 -11.85
CA SER I 183 -19.16 16.27 -10.82
C SER I 183 -17.89 17.02 -11.16
N THR I 184 -17.61 18.05 -10.37
CA THR I 184 -16.41 18.83 -10.60
C THR I 184 -15.72 19.23 -9.32
N SER I 185 -14.52 19.77 -9.44
CA SER I 185 -13.74 20.20 -8.30
C SER I 185 -12.80 21.30 -8.73
N PHE I 186 -12.57 22.25 -7.84
CA PHE I 186 -11.65 23.34 -8.10
C PHE I 186 -10.73 23.51 -6.92
N ALA I 187 -9.47 23.87 -7.18
CA ALA I 187 -8.50 24.09 -6.10
C ALA I 187 -7.35 24.97 -6.60
N GLU I 188 -6.70 25.68 -5.68
CA GLU I 188 -5.60 26.60 -6.01
C GLU I 188 -4.31 26.01 -5.50
N LEU I 189 -3.31 25.93 -6.38
CA LEU I 189 -2.01 25.37 -6.00
C LEU I 189 -1.42 26.12 -4.83
N PHE I 190 -1.41 27.44 -4.95
CA PHE I 190 -0.82 28.28 -3.92
C PHE I 190 -1.57 28.42 -2.62
N LYS I 191 -2.73 27.76 -2.51
CA LYS I 191 -3.48 27.77 -1.28
C LYS I 191 -3.23 26.45 -0.58
N SER I 192 -2.40 25.60 -1.18
CA SER I 192 -2.10 24.30 -0.57
C SER I 192 -0.81 24.34 0.24
N GLU I 193 -0.58 23.30 1.04
CA GLU I 193 0.65 23.23 1.84
C GLU I 193 1.76 22.68 0.97
N PRO I 194 2.70 23.54 0.55
CA PRO I 194 3.78 23.04 -0.32
C PRO I 194 4.55 21.86 0.22
N SER I 195 4.87 21.89 1.50
CA SER I 195 5.62 20.77 2.07
C SER I 195 4.91 19.42 1.98
N GLU I 196 3.60 19.41 1.72
CA GLU I 196 2.85 18.15 1.59
C GLU I 196 2.57 17.75 0.14
N LEU I 197 3.10 18.52 -0.80
CA LEU I 197 2.87 18.19 -2.18
C LEU I 197 3.68 16.92 -2.46
N TYR I 198 3.05 15.92 -3.09
CA TYR I 198 3.79 14.70 -3.40
C TYR I 198 4.44 14.72 -4.78
N ILE I 199 5.74 14.52 -4.81
CA ILE I 199 6.46 14.53 -6.08
C ILE I 199 6.78 13.12 -6.50
N ASN I 200 6.22 12.71 -7.63
CA ASN I 200 6.45 11.38 -8.16
C ASN I 200 7.60 11.48 -9.17
N TRP I 201 8.83 11.23 -8.73
CA TRP I 201 9.98 11.35 -9.61
C TRP I 201 9.93 10.57 -10.92
N ALA I 202 9.52 9.31 -10.88
CA ALA I 202 9.46 8.53 -12.08
C ALA I 202 8.37 9.01 -13.03
N ALA I 203 7.29 9.56 -12.48
CA ALA I 203 6.18 10.02 -13.34
C ALA I 203 6.41 11.43 -13.84
N ALA I 204 7.44 11.55 -14.67
CA ALA I 204 7.83 12.83 -15.25
C ALA I 204 8.11 13.88 -14.17
N MET I 205 8.55 13.43 -13.00
CA MET I 205 8.85 14.34 -11.89
C MET I 205 7.66 15.26 -11.63
N GLN I 206 6.46 14.73 -11.82
CA GLN I 206 5.24 15.51 -11.64
C GLN I 206 4.67 15.54 -10.22
N ILE I 207 4.08 16.67 -9.84
CA ILE I 207 3.41 16.78 -8.54
C ILE I 207 2.12 16.01 -8.83
N GLN I 208 1.70 15.13 -7.93
CA GLN I 208 0.46 14.38 -8.16
C GLN I 208 -0.55 14.50 -7.03
N PHE I 209 -1.79 14.79 -7.36
CA PHE I 209 -2.86 14.84 -6.37
C PHE I 209 -4.19 14.89 -7.07
N HIS I 210 -5.24 14.47 -6.36
CA HIS I 210 -6.58 14.54 -6.91
C HIS I 210 -7.06 15.91 -6.54
N VAL I 211 -7.49 16.68 -7.52
CA VAL I 211 -7.99 18.02 -7.25
C VAL I 211 -9.04 17.95 -6.16
N ARG I 212 -10.01 17.03 -6.31
CA ARG I 212 -11.02 16.85 -5.26
C ARG I 212 -10.03 16.46 -4.20
N ASP I 213 -10.16 16.97 -2.98
CA ASP I 213 -9.14 16.68 -1.97
C ASP I 213 -8.13 17.85 -2.14
N LEU I 214 -6.89 17.66 -1.72
CA LEU I 214 -5.89 18.72 -1.82
C LEU I 214 -6.26 19.88 -0.92
N ASP I 215 -5.57 19.94 0.21
CA ASP I 215 -5.81 20.97 1.19
C ASP I 215 -5.67 22.38 0.64
N GLN I 216 -6.45 23.29 1.24
CA GLN I 216 -6.45 24.70 0.88
C GLN I 216 -6.23 25.60 2.10
N GLY I 217 -5.50 25.09 3.10
CA GLY I 217 -5.30 25.86 4.31
C GLY I 217 -4.12 26.80 4.49
N PHE I 218 -3.11 26.71 3.62
CA PHE I 218 -1.92 27.55 3.72
C PHE I 218 -2.21 28.99 4.12
N ASN I 219 -1.68 29.45 5.25
CA ASN I 219 -1.94 30.83 5.65
C ASN I 219 -0.77 31.81 5.60
N GLY I 220 0.35 31.42 4.99
CA GLY I 220 1.48 32.30 4.88
C GLY I 220 1.40 33.14 3.60
N THR I 221 2.50 33.75 3.21
CA THR I 221 2.52 34.57 1.99
C THR I 221 3.01 33.75 0.80
N ARG I 222 2.93 34.33 -0.40
CA ARG I 222 3.39 33.68 -1.64
C ARG I 222 4.90 33.45 -1.60
N GLU I 223 5.63 34.49 -1.17
CA GLU I 223 7.07 34.43 -1.04
C GLU I 223 7.39 33.25 -0.12
N GLU I 224 6.64 33.12 0.98
CA GLU I 224 6.85 32.01 1.89
C GLU I 224 6.46 30.69 1.19
N TRP I 225 5.40 30.72 0.40
CA TRP I 225 5.00 29.51 -0.31
C TRP I 225 6.16 29.09 -1.21
N ALA I 226 6.74 30.03 -1.94
CA ALA I 226 7.87 29.72 -2.82
C ALA I 226 9.04 29.05 -2.11
N LYS I 227 9.53 29.68 -1.04
CA LYS I 227 10.66 29.15 -0.30
C LYS I 227 10.42 27.78 0.32
N SER I 228 9.26 27.62 0.94
CA SER I 228 8.92 26.35 1.56
C SER I 228 8.85 25.22 0.51
N TYR I 229 8.47 25.56 -0.72
CA TYR I 229 8.38 24.58 -1.80
C TYR I 229 9.78 24.18 -2.24
N LEU I 230 10.62 25.19 -2.42
CA LEU I 230 11.98 24.97 -2.83
C LEU I 230 12.67 24.07 -1.78
N LYS I 231 12.39 24.28 -0.51
CA LYS I 231 13.03 23.45 0.52
C LYS I 231 12.57 22.01 0.39
N HIS I 232 11.29 21.84 0.15
CA HIS I 232 10.69 20.53 0.01
C HIS I 232 11.19 19.83 -1.24
N PHE I 233 11.36 20.59 -2.33
CA PHE I 233 11.82 20.01 -3.59
C PHE I 233 13.19 19.46 -3.46
N VAL I 234 14.07 20.24 -2.85
CA VAL I 234 15.48 19.89 -2.64
C VAL I 234 15.62 18.68 -1.71
N THR I 235 14.85 18.68 -0.63
CA THR I 235 14.90 17.58 0.31
C THR I 235 14.50 16.29 -0.39
N GLN I 236 13.35 16.31 -1.05
CA GLN I 236 12.88 15.12 -1.75
C GLN I 236 13.83 14.59 -2.83
N ALA I 237 14.52 15.49 -3.53
CA ALA I 237 15.46 15.08 -4.56
C ALA I 237 16.64 14.29 -3.97
N GLU I 238 17.05 14.64 -2.74
CA GLU I 238 18.13 13.91 -2.10
C GLU I 238 17.54 12.56 -1.73
N GLN I 239 16.34 12.60 -1.16
CA GLN I 239 15.67 11.37 -0.79
C GLN I 239 15.55 10.42 -1.97
N ARG I 240 15.38 10.99 -3.16
CA ARG I 240 15.25 10.18 -4.34
C ARG I 240 16.61 9.63 -4.79
N ALA I 241 17.66 10.46 -4.70
CA ALA I 241 19.00 10.01 -5.09
C ALA I 241 19.34 8.76 -4.27
N ILE I 242 18.98 8.79 -2.99
CA ILE I 242 19.21 7.66 -2.10
C ILE I 242 18.31 6.47 -2.47
N SER I 243 17.00 6.69 -2.59
CA SER I 243 16.08 5.62 -2.97
C SER I 243 16.57 4.86 -4.20
N MET I 244 16.97 5.60 -5.23
CA MET I 244 17.47 4.99 -6.48
C MET I 244 18.58 3.97 -6.26
N ILE I 245 19.48 4.23 -5.32
CA ILE I 245 20.54 3.28 -5.11
C ILE I 245 19.90 2.07 -4.43
N ASP I 246 19.06 2.36 -3.46
CA ASP I 246 18.40 1.31 -2.73
C ASP I 246 17.39 0.50 -3.54
N LYS I 247 16.98 0.99 -4.71
CA LYS I 247 15.99 0.25 -5.47
C LYS I 247 16.39 -0.19 -6.88
N PHE I 248 17.25 0.58 -7.53
CA PHE I 248 17.66 0.26 -8.89
C PHE I 248 19.09 -0.23 -9.05
N VAL I 249 19.85 -0.23 -7.97
CA VAL I 249 21.24 -0.66 -8.02
C VAL I 249 21.50 -1.86 -7.12
N LYS I 250 21.37 -1.62 -5.81
CA LYS I 250 21.59 -2.66 -4.81
C LYS I 250 20.92 -4.01 -5.09
N PRO I 251 19.64 -3.99 -5.45
CA PRO I 251 19.01 -5.29 -5.70
C PRO I 251 19.50 -6.04 -6.95
N PHE I 252 20.13 -5.34 -7.89
CA PHE I 252 20.61 -6.00 -9.12
C PHE I 252 22.13 -6.23 -9.15
N LYS I 253 22.84 -5.67 -8.18
CA LYS I 253 24.29 -5.78 -8.13
C LYS I 253 24.81 -7.21 -8.29
N LYS I 254 23.98 -8.19 -7.96
CA LYS I 254 24.42 -9.58 -8.03
C LYS I 254 24.39 -10.25 -9.41
N TYR I 255 23.94 -9.54 -10.42
CA TYR I 255 23.89 -10.13 -11.74
C TYR I 255 25.11 -9.62 -12.50
N ILE I 256 25.66 -8.51 -12.02
CA ILE I 256 26.82 -7.90 -12.66
C ILE I 256 28.11 -8.73 -12.55
N LEU I 257 28.57 -9.21 -13.70
CA LEU I 257 29.80 -10.00 -13.81
C LEU I 257 30.00 -10.94 -12.62
N SER J 1 10.80 -13.53 -34.55
CA SER J 1 9.55 -12.78 -34.87
C SER J 1 8.63 -13.58 -35.82
N PHE J 2 7.32 -13.41 -35.66
CA PHE J 2 6.35 -14.07 -36.54
C PHE J 2 5.88 -13.03 -37.56
N ILE J 3 6.08 -11.75 -37.25
CA ILE J 3 5.67 -10.66 -38.13
C ILE J 3 6.69 -10.50 -39.26
N LYS J 4 7.96 -10.51 -38.85
CA LYS J 4 9.10 -10.36 -39.75
C LYS J 4 8.97 -11.09 -41.08
N PRO J 5 8.49 -12.34 -41.06
CA PRO J 5 8.37 -13.01 -42.37
C PRO J 5 7.41 -12.30 -43.33
N ILE J 6 6.54 -11.43 -42.81
CA ILE J 6 5.61 -10.74 -43.70
C ILE J 6 5.70 -9.24 -43.63
N TYR J 7 6.71 -8.74 -42.94
CA TYR J 7 6.87 -7.30 -42.81
C TYR J 7 6.67 -6.55 -44.11
N GLN J 8 7.32 -7.00 -45.19
CA GLN J 8 7.18 -6.34 -46.48
C GLN J 8 5.72 -6.27 -46.90
N ASP J 9 4.98 -7.37 -46.75
CA ASP J 9 3.58 -7.36 -47.13
C ASP J 9 2.76 -6.33 -46.34
N ILE J 10 2.95 -6.26 -45.02
CA ILE J 10 2.18 -5.30 -44.23
C ILE J 10 2.72 -3.88 -44.39
N ASN J 11 3.97 -3.75 -44.83
CA ASN J 11 4.50 -2.42 -45.06
C ASN J 11 3.77 -1.89 -46.30
N SER J 12 3.49 -2.81 -47.24
CA SER J 12 2.81 -2.48 -48.48
C SER J 12 1.36 -2.02 -48.27
N ILE J 13 0.59 -2.82 -47.54
CA ILE J 13 -0.81 -2.50 -47.29
C ILE J 13 -1.06 -1.24 -46.45
N LEU J 14 -0.13 -0.89 -45.56
CA LEU J 14 -0.25 0.27 -44.70
C LEU J 14 0.09 1.60 -45.37
N ILE J 15 1.20 1.66 -46.08
CA ILE J 15 1.63 2.88 -46.76
C ILE J 15 0.53 3.39 -47.67
N GLY J 16 -0.21 4.40 -47.21
CA GLY J 16 -1.27 4.96 -48.02
C GLY J 16 -2.61 4.92 -47.31
N GLN J 17 -2.76 4.00 -46.36
CA GLN J 17 -4.00 3.87 -45.61
C GLN J 17 -4.34 5.24 -45.04
N LYS J 18 -5.62 5.50 -44.83
CA LYS J 18 -6.04 6.78 -44.29
C LYS J 18 -6.99 6.65 -43.10
N VAL J 19 -6.84 7.54 -42.13
CA VAL J 19 -7.71 7.56 -40.97
C VAL J 19 -8.13 9.01 -40.78
N LYS J 20 -9.37 9.21 -40.33
CA LYS J 20 -9.90 10.57 -40.14
C LYS J 20 -9.38 11.25 -38.89
N ARG J 21 -9.01 12.52 -39.04
CA ARG J 21 -8.52 13.34 -37.94
C ARG J 21 -9.45 13.18 -36.74
N PRO J 22 -8.89 13.05 -35.53
CA PRO J 22 -9.68 12.87 -34.31
C PRO J 22 -10.59 14.07 -33.99
N LYS J 23 -11.08 14.10 -32.76
CA LYS J 23 -11.97 15.16 -32.28
C LYS J 23 -11.29 16.53 -32.39
N SER J 24 -11.49 17.18 -33.54
CA SER J 24 -10.92 18.48 -33.83
C SER J 24 -10.96 19.41 -32.62
N GLY J 29 -0.88 15.35 -27.22
CA GLY J 29 -1.07 15.07 -25.81
C GLY J 29 -1.28 13.59 -25.55
N HIS J 30 -1.43 12.82 -26.64
CA HIS J 30 -1.64 11.37 -26.53
C HIS J 30 -1.80 10.74 -27.93
N ALA J 31 -2.47 9.59 -27.96
CA ALA J 31 -2.74 8.81 -29.17
C ALA J 31 -3.00 9.55 -30.50
N ALA J 32 -4.24 9.45 -31.00
CA ALA J 32 -4.66 10.07 -32.27
C ALA J 32 -4.13 9.30 -33.48
N GLY J 33 -2.98 8.65 -33.31
CA GLY J 33 -2.41 7.86 -34.38
C GLY J 33 -2.81 6.42 -34.12
N GLU J 34 -3.60 6.26 -33.05
CA GLU J 34 -4.10 4.97 -32.61
C GLU J 34 -4.81 4.13 -33.68
N PRO J 35 -5.68 4.75 -34.50
CA PRO J 35 -6.35 3.96 -35.54
C PRO J 35 -5.39 3.07 -36.33
N PHE J 36 -4.14 3.51 -36.46
CA PHE J 36 -3.16 2.71 -37.18
C PHE J 36 -2.89 1.41 -36.40
N GLU J 37 -2.69 1.52 -35.10
CA GLU J 37 -2.50 0.35 -34.27
C GLU J 37 -3.59 -0.69 -34.56
N LYS J 38 -4.84 -0.24 -34.64
CA LYS J 38 -5.97 -1.14 -34.92
C LYS J 38 -5.89 -1.71 -36.34
N LEU J 39 -5.34 -0.89 -37.24
CA LEU J 39 -5.18 -1.30 -38.62
C LEU J 39 -4.15 -2.39 -38.72
N VAL J 40 -3.12 -2.32 -37.88
CA VAL J 40 -2.05 -3.32 -37.85
C VAL J 40 -2.62 -4.65 -37.42
N TYR J 41 -3.36 -4.59 -36.32
CA TYR J 41 -4.00 -5.77 -35.74
C TYR J 41 -4.86 -6.48 -36.78
N LYS J 42 -5.76 -5.72 -37.39
CA LYS J 42 -6.66 -6.25 -38.40
C LYS J 42 -5.87 -6.91 -39.51
N PHE J 43 -4.80 -6.23 -39.92
CA PHE J 43 -3.94 -6.69 -40.99
C PHE J 43 -2.87 -7.64 -40.48
N LEU J 44 -3.18 -8.34 -39.40
CA LEU J 44 -2.26 -9.29 -38.80
C LEU J 44 -3.14 -10.49 -38.42
N LYS J 45 -4.35 -10.17 -37.98
CA LYS J 45 -5.35 -11.17 -37.61
C LYS J 45 -5.85 -11.86 -38.90
N GLU J 46 -5.68 -11.19 -40.04
CA GLU J 46 -6.07 -11.77 -41.33
C GLU J 46 -5.03 -12.75 -41.85
N ASN J 47 -3.76 -12.36 -41.79
CA ASN J 47 -2.69 -13.22 -42.29
C ASN J 47 -2.17 -14.24 -41.29
N LEU J 48 -2.20 -13.93 -40.00
CA LEU J 48 -1.72 -14.86 -38.98
C LEU J 48 -2.77 -15.04 -37.88
N SER J 49 -4.03 -15.10 -38.29
CA SER J 49 -5.18 -15.22 -37.39
C SER J 49 -5.03 -16.03 -36.10
N ASP J 50 -4.57 -17.27 -36.25
CA ASP J 50 -4.41 -18.15 -35.11
C ASP J 50 -3.23 -17.78 -34.18
N LEU J 51 -2.40 -16.84 -34.60
CA LEU J 51 -1.26 -16.42 -33.80
C LEU J 51 -1.46 -15.07 -33.11
N THR J 52 -2.34 -14.25 -33.67
CA THR J 52 -2.59 -12.89 -33.22
C THR J 52 -3.59 -12.63 -32.09
N PHE J 53 -3.14 -11.90 -31.07
CA PHE J 53 -4.00 -11.60 -29.94
C PHE J 53 -3.76 -10.21 -29.39
N LYS J 54 -4.75 -9.67 -28.69
CA LYS J 54 -4.56 -8.41 -27.99
C LYS J 54 -4.05 -9.03 -26.71
N GLN J 55 -3.26 -8.33 -25.93
CA GLN J 55 -2.76 -8.93 -24.70
C GLN J 55 -3.96 -9.44 -23.90
N TYR J 56 -5.01 -8.62 -23.76
CA TYR J 56 -6.16 -9.07 -22.98
C TYR J 56 -6.88 -10.26 -23.62
N GLU J 57 -6.90 -10.28 -24.94
CA GLU J 57 -7.54 -11.35 -25.68
C GLU J 57 -6.88 -12.69 -25.35
N TYR J 58 -5.56 -12.68 -25.18
CA TYR J 58 -4.81 -13.89 -24.86
C TYR J 58 -5.19 -14.44 -23.49
N LEU J 59 -5.20 -13.56 -22.49
CA LEU J 59 -5.56 -13.99 -21.14
C LEU J 59 -6.95 -14.60 -21.12
N ASN J 60 -7.91 -13.96 -21.79
CA ASN J 60 -9.28 -14.46 -21.85
C ASN J 60 -9.26 -15.86 -22.43
N ASP J 61 -8.69 -16.02 -23.62
CA ASP J 61 -8.61 -17.34 -24.22
C ASP J 61 -7.94 -18.33 -23.25
N LEU J 62 -6.84 -17.93 -22.62
CA LEU J 62 -6.15 -18.83 -21.69
C LEU J 62 -6.99 -19.25 -20.48
N PHE J 63 -7.74 -18.32 -19.90
CA PHE J 63 -8.54 -18.70 -18.75
C PHE J 63 -9.76 -19.45 -19.22
N MET J 64 -10.28 -19.04 -20.37
CA MET J 64 -11.47 -19.66 -20.96
C MET J 64 -11.31 -21.17 -21.17
N LYS J 65 -10.15 -21.62 -21.62
CA LYS J 65 -9.95 -23.04 -21.85
C LYS J 65 -9.38 -23.77 -20.63
N ASN J 66 -9.79 -23.34 -19.44
CA ASN J 66 -9.37 -23.92 -18.17
C ASN J 66 -10.48 -23.71 -17.16
N PRO J 67 -11.69 -24.11 -17.51
CA PRO J 67 -12.81 -23.91 -16.59
C PRO J 67 -12.63 -24.66 -15.27
N ALA J 68 -11.83 -25.72 -15.29
CA ALA J 68 -11.63 -26.51 -14.09
C ALA J 68 -10.88 -25.76 -12.99
N ILE J 69 -9.91 -24.96 -13.37
CA ILE J 69 -9.15 -24.26 -12.36
C ILE J 69 -9.70 -22.85 -12.09
N ILE J 70 -9.77 -22.46 -10.82
CA ILE J 70 -10.24 -21.13 -10.44
C ILE J 70 -9.37 -20.63 -9.30
N GLY J 71 -9.54 -19.37 -8.92
CA GLY J 71 -8.71 -18.83 -7.86
C GLY J 71 -7.42 -18.28 -8.47
N HIS J 72 -6.97 -17.13 -7.99
CA HIS J 72 -5.79 -16.51 -8.53
C HIS J 72 -4.56 -17.38 -8.50
N GLU J 73 -4.33 -18.09 -7.40
CA GLU J 73 -3.14 -18.92 -7.36
C GLU J 73 -3.08 -19.91 -8.51
N ALA J 74 -4.16 -20.66 -8.71
CA ALA J 74 -4.21 -21.63 -9.80
C ALA J 74 -4.08 -20.97 -11.18
N ARG J 75 -4.77 -19.83 -11.36
CA ARG J 75 -4.72 -19.15 -12.64
C ARG J 75 -3.34 -18.60 -12.98
N TYR J 76 -2.54 -18.26 -11.97
CA TYR J 76 -1.19 -17.76 -12.23
C TYR J 76 -0.30 -18.94 -12.62
N LYS J 77 -0.60 -20.12 -12.09
CA LYS J 77 0.17 -21.30 -12.45
C LYS J 77 0.02 -21.52 -13.97
N LEU J 78 -1.15 -21.20 -14.49
CA LEU J 78 -1.42 -21.37 -15.90
C LEU J 78 -0.38 -20.74 -16.81
N PHE J 79 0.31 -19.70 -16.33
CA PHE J 79 1.33 -19.02 -17.13
C PHE J 79 2.57 -19.89 -17.40
N ASN J 80 2.93 -20.75 -16.45
CA ASN J 80 4.09 -21.64 -16.60
C ASN J 80 5.41 -20.93 -16.91
N SER J 81 5.59 -19.72 -16.38
CA SER J 81 6.82 -18.95 -16.58
C SER J 81 6.80 -17.77 -15.67
N PRO J 82 7.68 -17.74 -14.68
CA PRO J 82 7.65 -16.57 -13.80
C PRO J 82 7.78 -15.28 -14.59
N THR J 83 8.63 -15.28 -15.61
CA THR J 83 8.84 -14.09 -16.42
C THR J 83 7.60 -13.64 -17.17
N LEU J 84 7.01 -14.55 -17.94
CA LEU J 84 5.78 -14.20 -18.66
C LEU J 84 4.70 -13.72 -17.69
N LEU J 85 4.61 -14.35 -16.53
CA LEU J 85 3.60 -13.94 -15.55
C LEU J 85 3.85 -12.45 -15.24
N PHE J 86 5.09 -12.11 -14.89
CA PHE J 86 5.44 -10.74 -14.58
C PHE J 86 5.04 -9.85 -15.76
N LEU J 87 5.61 -10.14 -16.92
CA LEU J 87 5.35 -9.37 -18.14
C LEU J 87 3.88 -9.27 -18.65
N LEU J 88 3.11 -10.36 -18.59
CA LEU J 88 1.76 -10.38 -19.14
C LEU J 88 0.52 -10.42 -18.26
N SER J 89 0.64 -10.88 -17.01
CA SER J 89 -0.54 -11.02 -16.17
C SER J 89 -1.13 -9.80 -15.50
N ARG J 90 -2.40 -9.92 -15.10
CA ARG J 90 -3.14 -8.86 -14.42
C ARG J 90 -3.06 -9.07 -12.93
N GLY J 91 -3.54 -8.07 -12.19
CA GLY J 91 -3.51 -8.14 -10.74
C GLY J 91 -4.13 -9.36 -10.07
N LYS J 92 -4.07 -9.36 -8.74
CA LYS J 92 -4.60 -10.42 -7.90
C LYS J 92 -6.12 -10.42 -7.93
N ALA J 93 -6.71 -9.25 -7.65
CA ALA J 93 -8.15 -9.12 -7.63
C ALA J 93 -8.75 -9.31 -9.03
N ALA J 94 -8.03 -8.86 -10.06
CA ALA J 94 -8.51 -8.99 -11.43
C ALA J 94 -8.47 -10.45 -11.90
N THR J 95 -7.44 -11.19 -11.53
CA THR J 95 -7.37 -12.58 -11.92
C THR J 95 -8.36 -13.42 -11.13
N GLU J 96 -8.54 -13.10 -9.87
CA GLU J 96 -9.48 -13.82 -9.02
C GLU J 96 -10.91 -13.64 -9.56
N ASN J 97 -11.31 -12.40 -9.81
CA ASN J 97 -12.65 -12.10 -10.28
C ASN J 97 -12.95 -12.28 -11.79
N TRP J 98 -12.05 -12.91 -12.53
CA TRP J 98 -12.28 -13.12 -13.95
C TRP J 98 -13.37 -14.16 -14.17
N SER J 99 -14.19 -13.97 -15.20
CA SER J 99 -15.23 -14.93 -15.52
C SER J 99 -15.62 -14.70 -16.97
N ILE J 100 -16.24 -15.69 -17.60
CA ILE J 100 -16.63 -15.54 -18.97
C ILE J 100 -17.53 -14.32 -19.08
N GLU J 101 -18.21 -13.98 -17.99
CA GLU J 101 -19.08 -12.81 -17.99
C GLU J 101 -18.41 -11.56 -17.44
N ASN J 102 -17.11 -11.67 -17.16
CA ASN J 102 -16.33 -10.54 -16.64
C ASN J 102 -14.89 -10.67 -17.15
N LEU J 103 -14.74 -10.51 -18.46
CA LEU J 103 -13.45 -10.65 -19.15
C LEU J 103 -12.49 -9.49 -18.95
N PHE J 104 -11.22 -9.74 -19.20
CA PHE J 104 -10.23 -8.67 -19.12
C PHE J 104 -10.47 -7.76 -20.32
N GLU J 105 -10.22 -6.47 -20.15
CA GLU J 105 -10.40 -5.51 -21.23
C GLU J 105 -9.07 -4.77 -21.31
N GLU J 106 -8.97 -3.86 -22.29
CA GLU J 106 -7.77 -3.04 -22.48
C GLU J 106 -7.33 -2.35 -21.18
N LYS J 107 -6.05 -2.45 -20.84
CA LYS J 107 -5.57 -1.75 -19.68
C LYS J 107 -4.50 -0.81 -20.24
N GLN J 108 -4.43 0.41 -19.75
CA GLN J 108 -3.48 1.37 -20.28
C GLN J 108 -2.00 0.97 -20.17
N ASN J 109 -1.60 0.35 -19.08
CA ASN J 109 -0.20 0.01 -18.91
C ASN J 109 0.19 -1.40 -19.31
N ASP J 110 -0.57 -2.04 -20.19
CA ASP J 110 -0.18 -3.39 -20.62
C ASP J 110 1.17 -3.41 -21.36
N THR J 111 2.00 -4.39 -21.04
CA THR J 111 3.29 -4.49 -21.68
C THR J 111 3.20 -4.52 -23.20
N ALA J 112 2.31 -5.34 -23.75
CA ALA J 112 2.20 -5.45 -25.19
C ALA J 112 0.90 -5.00 -25.83
N ASP J 113 0.99 -4.61 -27.11
CA ASP J 113 -0.14 -4.16 -27.92
C ASP J 113 -0.67 -5.38 -28.65
N ILE J 114 0.25 -6.20 -29.13
CA ILE J 114 -0.10 -7.42 -29.84
C ILE J 114 0.79 -8.52 -29.30
N LEU J 115 0.19 -9.70 -29.18
CA LEU J 115 0.86 -10.86 -28.70
C LEU J 115 0.78 -11.90 -29.80
N LEU J 116 1.91 -12.39 -30.30
CA LEU J 116 1.89 -13.44 -31.31
C LEU J 116 2.46 -14.67 -30.61
N VAL J 117 1.67 -15.73 -30.60
CA VAL J 117 2.03 -16.93 -29.90
C VAL J 117 2.01 -18.15 -30.82
N LYS J 118 3.04 -18.96 -30.73
CA LYS J 118 3.14 -20.14 -31.56
C LYS J 118 4.10 -21.13 -30.91
N ASP J 119 3.55 -22.26 -30.49
CA ASP J 119 4.35 -23.30 -29.87
C ASP J 119 5.15 -22.77 -28.68
N GLN J 120 4.43 -22.20 -27.72
CA GLN J 120 5.03 -21.65 -26.50
C GLN J 120 6.05 -20.52 -26.66
N PHE J 121 6.24 -20.01 -27.87
CA PHE J 121 7.18 -18.90 -28.05
C PHE J 121 6.38 -17.61 -28.26
N TYR J 122 6.60 -16.61 -27.40
CA TYR J 122 5.85 -15.36 -27.49
C TYR J 122 6.59 -14.15 -28.05
N GLU J 123 5.98 -13.51 -29.05
CA GLU J 123 6.57 -12.28 -29.58
C GLU J 123 5.72 -11.12 -29.06
N LEU J 124 6.30 -10.31 -28.18
CA LEU J 124 5.58 -9.16 -27.65
C LEU J 124 5.76 -8.06 -28.66
N LEU J 125 4.66 -7.69 -29.33
CA LEU J 125 4.71 -6.64 -30.34
C LEU J 125 4.17 -5.31 -29.84
N ASP J 126 4.98 -4.28 -29.97
CA ASP J 126 4.58 -2.95 -29.55
C ASP J 126 4.55 -2.04 -30.76
N VAL J 127 3.43 -1.34 -30.93
CA VAL J 127 3.26 -0.43 -32.04
C VAL J 127 3.49 1.03 -31.62
N LYS J 128 4.22 1.78 -32.45
CA LYS J 128 4.51 3.20 -32.18
C LYS J 128 4.10 4.05 -33.38
N THR J 129 3.46 5.19 -33.16
CA THR J 129 3.09 6.01 -34.30
C THR J 129 3.92 7.28 -34.25
N ARG J 130 4.26 7.81 -35.43
CA ARG J 130 5.06 9.03 -35.49
C ARG J 130 4.60 10.05 -36.52
N ASN J 131 4.29 11.24 -36.03
CA ASN J 131 3.91 12.36 -36.89
C ASN J 131 5.25 12.79 -37.51
N ILE J 132 5.50 12.43 -38.78
CA ILE J 132 6.78 12.77 -39.39
C ILE J 132 6.81 14.16 -40.03
N SER J 133 5.80 14.97 -39.74
CA SER J 133 5.76 16.32 -40.29
C SER J 133 6.75 17.12 -39.50
N LYS J 134 7.28 16.51 -38.44
CA LYS J 134 8.25 17.21 -37.62
C LYS J 134 9.32 16.34 -36.99
N SER J 135 10.42 16.98 -36.63
CA SER J 135 11.52 16.29 -36.00
C SER J 135 11.23 16.34 -34.49
N ALA J 136 10.87 15.20 -33.91
CA ALA J 136 10.57 15.17 -32.48
C ALA J 136 11.51 14.25 -31.72
N GLN J 137 11.48 14.33 -30.39
CA GLN J 137 12.34 13.49 -29.58
C GLN J 137 11.84 12.03 -29.67
N ALA J 138 12.72 11.08 -29.41
CA ALA J 138 12.30 9.68 -29.48
C ALA J 138 11.20 9.40 -28.46
N PRO J 139 10.25 8.54 -28.83
CA PRO J 139 9.16 8.20 -27.91
C PRO J 139 9.52 7.15 -26.87
N ASN J 140 8.68 7.06 -25.84
CA ASN J 140 8.80 6.06 -24.80
C ASN J 140 8.64 4.67 -25.46
N ILE J 141 9.60 3.79 -25.21
CA ILE J 141 9.55 2.46 -25.78
C ILE J 141 9.06 1.48 -24.71
N ILE J 142 9.81 1.42 -23.62
CA ILE J 142 9.50 0.54 -22.50
C ILE J 142 10.26 1.03 -21.26
N SER J 143 9.71 0.72 -20.10
CA SER J 143 10.33 1.12 -18.85
C SER J 143 11.67 0.41 -18.68
N ALA J 144 12.72 1.18 -18.37
CA ALA J 144 14.05 0.62 -18.21
C ALA J 144 14.05 -0.32 -17.01
N TYR J 145 13.29 0.06 -15.99
CA TYR J 145 13.16 -0.75 -14.78
C TYR J 145 12.42 -2.07 -15.05
N LYS J 146 11.35 -2.01 -15.84
CA LYS J 146 10.62 -3.22 -16.18
C LYS J 146 11.59 -4.18 -16.87
N LEU J 147 12.39 -3.69 -17.83
CA LEU J 147 13.35 -4.55 -18.53
C LEU J 147 14.31 -5.18 -17.52
N ALA J 148 14.82 -4.37 -16.60
CA ALA J 148 15.75 -4.81 -15.57
C ALA J 148 15.17 -6.01 -14.82
N GLN J 149 13.92 -5.88 -14.40
CA GLN J 149 13.26 -6.95 -13.68
C GLN J 149 13.02 -8.17 -14.59
N THR J 150 12.81 -7.93 -15.87
CA THR J 150 12.60 -9.06 -16.77
C THR J 150 13.91 -9.87 -16.92
N CYS J 151 15.01 -9.17 -17.21
CA CYS J 151 16.31 -9.78 -17.37
C CYS J 151 16.68 -10.60 -16.15
N ALA J 152 16.52 -9.99 -14.97
CA ALA J 152 16.84 -10.67 -13.72
C ALA J 152 16.02 -11.94 -13.58
N LYS J 153 14.73 -11.86 -13.90
CA LYS J 153 13.87 -13.04 -13.82
C LYS J 153 14.31 -14.05 -14.85
N MET J 154 14.75 -13.56 -16.00
CA MET J 154 15.23 -14.45 -17.04
C MET J 154 16.50 -15.16 -16.58
N ILE J 155 17.37 -14.45 -15.87
CA ILE J 155 18.61 -15.05 -15.39
C ILE J 155 18.30 -16.05 -14.29
N ASP J 156 17.43 -15.68 -13.36
CA ASP J 156 17.06 -16.58 -12.26
C ASP J 156 16.40 -17.91 -12.70
N ASN J 157 15.48 -17.83 -13.65
CA ASN J 157 14.74 -18.99 -14.11
C ASN J 157 15.28 -19.58 -15.41
N LYS J 158 16.40 -19.04 -15.88
CA LYS J 158 17.02 -19.50 -17.13
C LYS J 158 16.04 -19.56 -18.30
N GLU J 159 15.15 -18.57 -18.37
CA GLU J 159 14.17 -18.48 -19.44
C GLU J 159 14.70 -17.57 -20.55
N PHE J 160 15.65 -18.09 -21.34
CA PHE J 160 16.28 -17.34 -22.42
C PHE J 160 15.76 -17.73 -23.79
N ASP J 161 14.67 -18.47 -23.86
CA ASP J 161 14.15 -18.90 -25.15
C ASP J 161 12.64 -18.91 -25.13
N LEU J 162 12.03 -17.88 -24.54
CA LEU J 162 10.60 -17.91 -24.44
C LEU J 162 9.87 -16.77 -25.11
N PHE J 163 10.55 -15.65 -25.29
CA PHE J 163 9.87 -14.53 -25.87
C PHE J 163 10.79 -13.45 -26.41
N ASP J 164 10.31 -12.77 -27.44
CA ASP J 164 11.00 -11.64 -28.04
C ASP J 164 10.12 -10.40 -27.73
N ILE J 165 10.71 -9.21 -27.85
CA ILE J 165 10.01 -7.96 -27.61
C ILE J 165 10.34 -7.13 -28.84
N ASN J 166 9.41 -7.07 -29.81
CA ASN J 166 9.65 -6.30 -31.03
C ASN J 166 8.78 -5.08 -31.21
N TYR J 167 9.25 -4.16 -32.05
CA TYR J 167 8.56 -2.90 -32.29
C TYR J 167 8.25 -2.64 -33.74
N LEU J 168 7.21 -1.86 -33.97
CA LEU J 168 6.83 -1.50 -35.33
C LEU J 168 6.42 -0.04 -35.28
N GLU J 169 7.16 0.79 -36.01
CA GLU J 169 6.91 2.21 -36.08
C GLU J 169 6.09 2.47 -37.33
N VAL J 170 5.03 3.25 -37.20
CA VAL J 170 4.23 3.58 -38.36
C VAL J 170 4.22 5.12 -38.41
N ASP J 171 4.76 5.66 -39.50
CA ASP J 171 4.84 7.12 -39.69
C ASP J 171 3.67 7.60 -40.54
N TRP J 172 3.10 8.74 -40.18
CA TRP J 172 1.96 9.28 -40.90
C TRP J 172 2.16 10.77 -40.91
N GLU J 173 1.43 11.43 -41.80
CA GLU J 173 1.50 12.87 -41.89
C GLU J 173 0.10 13.30 -42.22
N LEU J 174 -0.18 14.56 -41.97
CA LEU J 174 -1.50 15.12 -42.24
C LEU J 174 -1.59 15.54 -43.70
N ASN J 175 -2.65 15.13 -44.37
CA ASN J 175 -2.87 15.49 -45.76
C ASN J 175 -4.35 15.72 -45.92
N GLY J 176 -4.78 16.95 -45.67
CA GLY J 176 -6.19 17.27 -45.76
C GLY J 176 -6.83 17.12 -44.39
N GLU J 177 -7.86 16.30 -44.30
CA GLU J 177 -8.55 16.10 -43.03
C GLU J 177 -8.20 14.72 -42.49
N ASP J 178 -7.56 13.91 -43.31
CA ASP J 178 -7.18 12.57 -42.89
C ASP J 178 -5.70 12.48 -42.52
N LEU J 179 -5.36 11.41 -41.81
CA LEU J 179 -3.98 11.14 -41.42
C LEU J 179 -3.55 10.03 -42.37
N VAL J 180 -2.42 10.17 -43.04
CA VAL J 180 -2.01 9.12 -43.97
C VAL J 180 -0.65 8.50 -43.71
N CYS J 181 -0.64 7.18 -43.59
CA CYS J 181 0.60 6.46 -43.36
C CYS J 181 1.55 6.64 -44.55
N VAL J 182 2.81 6.93 -44.29
CA VAL J 182 3.75 7.14 -45.39
C VAL J 182 4.95 6.24 -45.32
N SER J 183 5.18 5.65 -44.15
CA SER J 183 6.32 4.77 -43.93
C SER J 183 6.14 3.90 -42.68
N THR J 184 6.96 2.86 -42.61
CA THR J 184 6.98 1.90 -41.51
C THR J 184 8.41 1.46 -41.17
N SER J 185 8.58 0.84 -40.00
CA SER J 185 9.90 0.37 -39.57
C SER J 185 9.75 -0.74 -38.54
N PHE J 186 10.54 -1.81 -38.68
CA PHE J 186 10.47 -2.92 -37.73
C PHE J 186 11.83 -3.10 -37.06
N ALA J 187 11.84 -3.54 -35.81
CA ALA J 187 13.11 -3.74 -35.08
C ALA J 187 12.87 -4.64 -33.87
N GLU J 188 13.93 -5.29 -33.41
CA GLU J 188 13.84 -6.20 -32.29
C GLU J 188 14.71 -5.69 -31.17
N LEU J 189 14.17 -5.68 -29.96
CA LEU J 189 14.92 -5.17 -28.83
C LEU J 189 16.19 -5.96 -28.53
N PHE J 190 16.06 -7.27 -28.51
CA PHE J 190 17.17 -8.16 -28.19
C PHE J 190 18.15 -8.33 -29.31
N LYS J 191 18.09 -7.46 -30.31
CA LYS J 191 19.02 -7.52 -31.42
C LYS J 191 19.94 -6.32 -31.33
N SER J 192 19.63 -5.40 -30.40
CA SER J 192 20.43 -4.20 -30.27
C SER J 192 21.48 -4.35 -29.18
N GLU J 193 22.45 -3.44 -29.20
CA GLU J 193 23.51 -3.44 -28.21
C GLU J 193 22.91 -2.96 -26.90
N PRO J 194 22.64 -3.87 -25.97
CA PRO J 194 22.05 -3.43 -24.70
C PRO J 194 22.76 -2.28 -24.01
N SER J 195 24.08 -2.17 -24.21
CA SER J 195 24.83 -1.11 -23.55
C SER J 195 24.52 0.28 -24.10
N GLU J 196 23.97 0.34 -25.31
CA GLU J 196 23.63 1.61 -25.95
C GLU J 196 22.16 2.10 -25.86
N LEU J 197 21.33 1.45 -25.05
CA LEU J 197 19.93 1.86 -24.90
C LEU J 197 19.88 3.11 -24.02
N TYR J 198 19.29 4.18 -24.54
CA TYR J 198 19.21 5.41 -23.77
C TYR J 198 18.04 5.38 -22.79
N ILE J 199 18.36 5.59 -21.52
CA ILE J 199 17.29 5.58 -20.53
C ILE J 199 16.98 6.99 -20.08
N ASN J 200 15.73 7.40 -20.32
CA ASN J 200 15.28 8.72 -19.94
C ASN J 200 14.57 8.55 -18.59
N TRP J 201 15.31 8.77 -17.51
CA TRP J 201 14.80 8.63 -16.14
C TRP J 201 13.57 9.50 -15.85
N ALA J 202 13.65 10.78 -16.17
CA ALA J 202 12.52 11.65 -15.95
C ALA J 202 11.27 11.08 -16.63
N ALA J 203 11.43 10.69 -17.89
CA ALA J 203 10.31 10.18 -18.67
C ALA J 203 9.81 8.77 -18.30
N ALA J 204 9.47 8.58 -17.01
CA ALA J 204 8.98 7.30 -16.50
C ALA J 204 10.03 6.21 -16.65
N MET J 205 11.30 6.60 -16.59
CA MET J 205 12.39 5.65 -16.70
C MET J 205 12.28 4.83 -17.99
N GLN J 206 11.83 5.46 -19.06
CA GLN J 206 11.67 4.74 -20.32
C GLN J 206 12.89 4.73 -21.26
N ILE J 207 13.14 3.58 -21.88
CA ILE J 207 14.19 3.47 -22.84
C ILE J 207 13.58 4.30 -23.98
N GLN J 208 14.40 5.14 -24.64
CA GLN J 208 13.85 5.94 -25.72
C GLN J 208 14.64 5.84 -27.00
N PHE J 209 13.95 5.47 -28.08
CA PHE J 209 14.61 5.40 -29.38
C PHE J 209 13.60 5.47 -30.51
N HIS J 210 14.06 5.84 -31.70
CA HIS J 210 13.17 5.86 -32.85
C HIS J 210 13.40 4.49 -33.44
N VAL J 211 12.33 3.76 -33.75
CA VAL J 211 12.50 2.41 -34.27
C VAL J 211 13.41 2.32 -35.49
N ARG J 212 13.32 3.28 -36.40
CA ARG J 212 14.20 3.18 -37.55
C ARG J 212 15.69 3.20 -37.18
N ASP J 213 16.06 3.88 -36.12
CA ASP J 213 17.47 3.96 -35.69
C ASP J 213 18.03 2.83 -34.83
N LEU J 214 17.18 2.11 -34.12
CA LEU J 214 17.67 1.05 -33.25
C LEU J 214 18.57 0.10 -34.03
N ASP J 215 19.84 0.03 -33.63
CA ASP J 215 20.83 -0.85 -34.25
C ASP J 215 20.48 -2.31 -34.02
N GLN J 216 20.75 -3.15 -35.01
CA GLN J 216 20.42 -4.56 -34.93
C GLN J 216 21.61 -5.50 -35.03
N GLY J 217 22.78 -5.08 -34.57
CA GLY J 217 23.93 -5.97 -34.69
C GLY J 217 24.54 -6.70 -33.50
N PHE J 218 23.79 -6.86 -32.41
CA PHE J 218 24.33 -7.55 -31.24
C PHE J 218 24.62 -8.98 -31.64
N ASN J 219 25.76 -9.52 -31.22
CA ASN J 219 26.12 -10.89 -31.62
C ASN J 219 26.22 -11.94 -30.53
N GLY J 220 26.00 -11.55 -29.28
CA GLY J 220 26.10 -12.52 -28.22
C GLY J 220 24.81 -13.31 -28.02
N THR J 221 24.77 -14.11 -26.97
CA THR J 221 23.60 -14.91 -26.68
C THR J 221 22.53 -14.10 -25.95
N ARG J 222 21.40 -14.73 -25.64
CA ARG J 222 20.34 -14.02 -24.92
C ARG J 222 20.79 -13.77 -23.47
N GLU J 223 21.40 -14.76 -22.83
CA GLU J 223 21.86 -14.58 -21.47
C GLU J 223 22.87 -13.42 -21.38
N GLU J 224 23.71 -13.25 -22.40
CA GLU J 224 24.68 -12.14 -22.38
C GLU J 224 23.99 -10.79 -22.59
N TRP J 225 22.89 -10.80 -23.34
CA TRP J 225 22.14 -9.57 -23.56
C TRP J 225 21.62 -9.08 -22.20
N ALA J 226 20.99 -9.98 -21.44
CA ALA J 226 20.43 -9.65 -20.13
C ALA J 226 21.46 -9.20 -19.11
N LYS J 227 22.60 -9.89 -19.08
CA LYS J 227 23.67 -9.57 -18.16
C LYS J 227 24.23 -8.18 -18.47
N SER J 228 24.44 -7.90 -19.74
CA SER J 228 24.98 -6.61 -20.12
C SER J 228 23.99 -5.47 -19.90
N TYR J 229 22.69 -5.75 -19.98
CA TYR J 229 21.67 -4.71 -19.76
C TYR J 229 21.63 -4.35 -18.28
N LEU J 230 21.73 -5.38 -17.43
CA LEU J 230 21.69 -5.14 -16.01
C LEU J 230 22.88 -4.31 -15.58
N LYS J 231 24.03 -4.47 -16.25
CA LYS J 231 25.22 -3.67 -15.89
C LYS J 231 24.93 -2.22 -16.26
N HIS J 232 24.50 -2.05 -17.51
CA HIS J 232 24.16 -0.77 -18.08
C HIS J 232 23.07 -0.05 -17.28
N PHE J 233 22.14 -0.83 -16.72
CA PHE J 233 21.07 -0.23 -15.94
C PHE J 233 21.56 0.25 -14.59
N VAL J 234 22.35 -0.58 -13.91
CA VAL J 234 22.84 -0.19 -12.59
C VAL J 234 23.73 1.04 -12.72
N THR J 235 24.61 1.00 -13.71
CA THR J 235 25.53 2.09 -13.96
C THR J 235 24.81 3.40 -14.25
N GLN J 236 23.82 3.36 -15.11
CA GLN J 236 23.09 4.59 -15.43
C GLN J 236 22.29 5.10 -14.22
N ALA J 237 21.87 4.16 -13.36
CA ALA J 237 21.09 4.49 -12.17
C ALA J 237 21.95 5.29 -11.22
N GLU J 238 23.19 4.83 -11.06
CA GLU J 238 24.14 5.51 -10.19
C GLU J 238 24.47 6.91 -10.74
N GLN J 239 24.69 7.02 -12.03
CA GLN J 239 24.98 8.32 -12.64
C GLN J 239 23.85 9.31 -12.41
N ARG J 240 22.62 8.84 -12.63
CA ARG J 240 21.44 9.68 -12.43
C ARG J 240 21.33 10.19 -11.00
N ALA J 241 21.68 9.35 -10.03
CA ALA J 241 21.65 9.75 -8.62
C ALA J 241 22.67 10.88 -8.39
N ILE J 242 23.83 10.77 -9.06
CA ILE J 242 24.87 11.79 -8.97
C ILE J 242 24.39 13.08 -9.63
N SER J 243 23.82 12.94 -10.81
CA SER J 243 23.35 14.09 -11.57
C SER J 243 22.15 14.84 -10.99
N MET J 244 21.23 14.13 -10.34
CA MET J 244 20.08 14.81 -9.77
C MET J 244 20.52 15.81 -8.71
N ILE J 245 21.51 15.44 -7.93
CA ILE J 245 22.02 16.32 -6.89
C ILE J 245 22.60 17.56 -7.54
N ASP J 246 23.14 17.41 -8.73
CA ASP J 246 23.74 18.53 -9.42
C ASP J 246 22.71 19.37 -10.14
N LYS J 247 21.67 18.75 -10.67
CA LYS J 247 20.65 19.50 -11.41
C LYS J 247 19.42 19.96 -10.59
N PHE J 248 19.15 19.28 -9.48
CA PHE J 248 17.99 19.59 -8.65
C PHE J 248 18.25 20.06 -7.22
N VAL J 249 19.48 19.92 -6.74
CA VAL J 249 19.81 20.36 -5.39
C VAL J 249 20.77 21.55 -5.37
N LYS J 250 21.95 21.37 -5.97
CA LYS J 250 22.97 22.41 -6.03
C LYS J 250 22.46 23.79 -6.48
N PRO J 251 21.70 23.84 -7.58
CA PRO J 251 21.22 25.16 -8.01
C PRO J 251 20.09 25.77 -7.18
N PHE J 252 19.62 25.04 -6.18
CA PHE J 252 18.53 25.55 -5.36
C PHE J 252 18.85 25.73 -3.88
N LYS J 253 20.03 25.28 -3.46
CA LYS J 253 20.42 25.41 -2.07
C LYS J 253 20.48 26.88 -1.60
N LYS J 254 20.87 27.79 -2.49
CA LYS J 254 20.98 29.20 -2.12
C LYS J 254 19.65 29.80 -1.65
N TYR J 255 18.55 29.06 -1.82
CA TYR J 255 17.24 29.55 -1.40
C TYR J 255 16.79 28.89 -0.09
N ILE J 256 17.66 28.14 0.58
CA ILE J 256 17.30 27.48 1.83
C ILE J 256 18.08 28.03 3.02
N SER K 1 7.20 -35.15 8.40
CA SER K 1 6.01 -34.89 9.27
C SER K 1 5.26 -36.18 9.49
N PHE K 2 4.57 -36.29 10.62
CA PHE K 2 3.80 -37.50 10.88
C PHE K 2 2.37 -37.30 10.44
N ILE K 3 1.96 -36.05 10.25
CA ILE K 3 0.59 -35.81 9.83
C ILE K 3 0.44 -35.72 8.31
N LYS K 4 1.49 -35.25 7.61
CA LYS K 4 1.41 -35.14 6.16
C LYS K 4 0.81 -36.44 5.52
N PRO K 5 1.33 -37.62 5.89
CA PRO K 5 0.78 -38.86 5.33
C PRO K 5 -0.71 -39.07 5.61
N ILE K 6 -1.20 -38.51 6.71
CA ILE K 6 -2.59 -38.68 7.09
C ILE K 6 -3.42 -37.41 6.81
N TYR K 7 -2.79 -36.43 6.16
CA TYR K 7 -3.43 -35.14 5.88
C TYR K 7 -4.73 -35.16 5.08
N GLN K 8 -4.70 -35.90 3.96
CA GLN K 8 -5.85 -36.02 3.08
C GLN K 8 -7.09 -36.44 3.88
N ASP K 9 -6.86 -37.18 4.95
CA ASP K 9 -7.95 -37.64 5.81
C ASP K 9 -8.37 -36.51 6.76
N ILE K 10 -7.42 -35.89 7.42
CA ILE K 10 -7.72 -34.78 8.33
C ILE K 10 -8.63 -33.81 7.59
N ASN K 11 -8.13 -33.29 6.47
CA ASN K 11 -8.88 -32.34 5.66
C ASN K 11 -10.26 -32.87 5.31
N SER K 12 -10.37 -34.17 5.12
CA SER K 12 -11.63 -34.79 4.74
C SER K 12 -12.68 -34.85 5.86
N ILE K 13 -12.23 -34.99 7.10
CA ILE K 13 -13.17 -35.04 8.21
C ILE K 13 -13.54 -33.65 8.68
N LEU K 14 -12.57 -32.74 8.63
CA LEU K 14 -12.79 -31.35 9.07
C LEU K 14 -13.78 -30.58 8.21
N ILE K 15 -13.62 -30.62 6.89
CA ILE K 15 -14.53 -29.91 6.00
C ILE K 15 -15.95 -30.39 6.20
N GLY K 16 -16.83 -29.47 6.60
CA GLY K 16 -18.21 -29.82 6.85
C GLY K 16 -18.58 -29.79 8.32
N GLN K 17 -17.62 -30.01 9.20
CA GLN K 17 -17.91 -29.99 10.62
C GLN K 17 -18.58 -28.70 11.05
N LYS K 18 -19.44 -28.78 12.07
CA LYS K 18 -20.14 -27.62 12.58
C LYS K 18 -20.05 -27.50 14.09
N VAL K 19 -19.83 -26.28 14.56
CA VAL K 19 -19.71 -25.97 15.98
C VAL K 19 -20.57 -24.73 16.21
N LYS K 20 -21.47 -24.79 17.19
CA LYS K 20 -22.35 -23.66 17.49
C LYS K 20 -21.54 -22.41 17.82
N ARG K 21 -21.97 -21.27 17.29
CA ARG K 21 -21.28 -20.00 17.52
C ARG K 21 -21.09 -19.74 19.03
N PRO K 22 -20.11 -18.90 19.40
CA PRO K 22 -19.84 -18.58 20.81
C PRO K 22 -20.88 -17.66 21.44
N LYS K 23 -22.07 -18.21 21.73
CA LYS K 23 -23.15 -17.46 22.34
C LYS K 23 -23.59 -16.29 21.42
N SER K 24 -22.97 -15.13 21.62
CA SER K 24 -23.27 -13.96 20.81
C SER K 24 -22.12 -12.96 20.88
N GLY K 25 -21.06 -13.35 21.58
CA GLY K 25 -19.91 -12.47 21.72
C GLY K 25 -18.74 -13.15 22.42
N GLY K 33 -13.20 -20.62 16.67
CA GLY K 33 -12.05 -21.31 16.09
C GLY K 33 -11.47 -22.45 16.92
N GLU K 34 -11.23 -22.19 18.22
CA GLU K 34 -10.66 -23.18 19.13
C GLU K 34 -11.25 -24.60 19.11
N PRO K 35 -12.57 -24.72 18.93
CA PRO K 35 -13.18 -26.06 18.89
C PRO K 35 -12.78 -26.85 17.65
N PHE K 36 -12.22 -26.16 16.68
CA PHE K 36 -11.78 -26.81 15.47
C PHE K 36 -10.47 -27.56 15.68
N GLU K 37 -9.55 -26.97 16.45
CA GLU K 37 -8.27 -27.65 16.71
C GLU K 37 -8.52 -28.74 17.72
N LYS K 38 -9.59 -28.56 18.49
CA LYS K 38 -10.01 -29.54 19.48
C LYS K 38 -10.37 -30.81 18.69
N LEU K 39 -10.98 -30.61 17.52
CA LEU K 39 -11.36 -31.71 16.65
C LEU K 39 -10.06 -32.33 16.12
N VAL K 40 -9.19 -31.48 15.59
CA VAL K 40 -7.91 -31.95 15.07
C VAL K 40 -7.18 -32.81 16.09
N TYR K 41 -7.11 -32.37 17.34
CA TYR K 41 -6.44 -33.16 18.37
C TYR K 41 -7.19 -34.46 18.63
N LYS K 42 -8.52 -34.37 18.67
CA LYS K 42 -9.36 -35.55 18.91
C LYS K 42 -9.05 -36.59 17.84
N PHE K 43 -8.80 -36.13 16.62
CA PHE K 43 -8.49 -37.03 15.52
C PHE K 43 -7.11 -37.68 15.64
N LEU K 44 -6.06 -36.86 15.82
CA LEU K 44 -4.70 -37.37 15.95
C LEU K 44 -4.56 -38.33 17.11
N LYS K 45 -5.41 -38.19 18.11
CA LYS K 45 -5.37 -39.05 19.28
C LYS K 45 -6.00 -40.41 18.94
N GLU K 46 -6.91 -40.41 17.97
CA GLU K 46 -7.59 -41.63 17.55
C GLU K 46 -6.91 -42.31 16.36
N ASN K 47 -5.87 -41.69 15.83
CA ASN K 47 -5.14 -42.27 14.70
C ASN K 47 -3.64 -42.33 14.91
N LEU K 48 -3.12 -41.44 15.75
CA LEU K 48 -1.69 -41.40 16.03
C LEU K 48 -1.46 -41.45 17.53
N SER K 49 -2.42 -42.01 18.24
CA SER K 49 -2.39 -42.11 19.70
C SER K 49 -1.00 -42.24 20.36
N ASP K 50 -0.23 -43.25 19.98
CA ASP K 50 1.08 -43.48 20.59
C ASP K 50 2.06 -42.30 20.52
N LEU K 51 1.86 -41.40 19.57
CA LEU K 51 2.77 -40.28 19.41
C LEU K 51 2.16 -38.90 19.57
N THR K 52 0.86 -38.84 19.87
CA THR K 52 0.16 -37.57 20.03
C THR K 52 0.06 -37.05 21.47
N PHE K 53 0.53 -35.83 21.69
CA PHE K 53 0.49 -35.21 23.01
C PHE K 53 0.21 -33.72 22.94
N LYS K 54 -0.26 -33.18 24.06
CA LYS K 54 -0.49 -31.75 24.19
C LYS K 54 0.78 -31.31 24.93
N GLN K 55 1.27 -30.12 24.61
CA GLN K 55 2.48 -29.56 25.21
C GLN K 55 2.78 -30.00 26.63
N TYR K 56 1.88 -29.68 27.56
CA TYR K 56 2.07 -30.03 28.96
C TYR K 56 2.05 -31.53 29.23
N GLU K 57 1.10 -32.21 28.60
CA GLU K 57 0.93 -33.65 28.73
C GLU K 57 2.28 -34.39 28.54
N TYR K 58 3.02 -34.06 27.48
CA TYR K 58 4.31 -34.70 27.26
C TYR K 58 5.29 -34.38 28.39
N LEU K 59 5.21 -33.15 28.89
CA LEU K 59 6.08 -32.71 30.00
C LEU K 59 5.79 -33.55 31.25
N ASN K 60 4.52 -33.87 31.46
CA ASN K 60 4.12 -34.64 32.62
C ASN K 60 4.62 -36.07 32.53
N ASP K 61 4.31 -36.77 31.45
CA ASP K 61 4.74 -38.17 31.29
C ASP K 61 6.27 -38.29 31.42
N LEU K 62 6.98 -37.31 30.88
CA LEU K 62 8.42 -37.33 30.91
C LEU K 62 8.88 -37.31 32.36
N PHE K 63 8.12 -36.63 33.19
CA PHE K 63 8.47 -36.53 34.61
C PHE K 63 7.97 -37.71 35.44
N MET K 64 6.74 -38.15 35.23
CA MET K 64 6.25 -39.31 35.98
C MET K 64 7.14 -40.53 35.70
N LYS K 65 7.86 -40.51 34.58
CA LYS K 65 8.78 -41.59 34.20
C LYS K 65 10.16 -41.44 34.83
N ASN K 66 10.35 -40.37 35.60
CA ASN K 66 11.63 -40.12 36.25
C ASN K 66 11.40 -39.53 37.65
N PRO K 67 10.48 -40.12 38.44
CA PRO K 67 10.22 -39.59 39.78
C PRO K 67 11.45 -39.62 40.66
N ALA K 68 12.50 -40.24 40.16
CA ALA K 68 13.74 -40.33 40.90
C ALA K 68 14.53 -39.07 40.56
N ILE K 69 13.86 -38.12 39.91
CA ILE K 69 14.47 -36.85 39.54
C ILE K 69 13.58 -35.71 40.02
N ILE K 70 14.01 -35.03 41.08
CA ILE K 70 13.24 -33.92 41.64
C ILE K 70 14.09 -32.66 41.67
N GLY K 71 13.45 -31.50 41.78
CA GLY K 71 14.20 -30.25 41.79
C GLY K 71 14.76 -29.98 40.40
N HIS K 72 14.74 -28.72 39.98
CA HIS K 72 15.21 -28.39 38.63
C HIS K 72 16.64 -28.80 38.36
N GLU K 73 17.09 -28.58 37.13
CA GLU K 73 18.45 -28.92 36.72
C GLU K 73 18.52 -30.41 36.45
N ALA K 74 18.17 -31.19 37.46
CA ALA K 74 18.14 -32.63 37.31
C ALA K 74 17.02 -32.98 36.35
N ARG K 75 15.93 -32.20 36.41
CA ARG K 75 14.79 -32.42 35.53
C ARG K 75 15.07 -31.87 34.14
N TYR K 76 15.73 -30.70 34.06
CA TYR K 76 16.08 -30.13 32.76
C TYR K 76 17.13 -31.03 32.10
N LYS K 77 17.75 -31.91 32.89
CA LYS K 77 18.73 -32.81 32.35
C LYS K 77 17.98 -33.89 31.56
N LEU K 78 16.76 -34.19 32.02
CA LEU K 78 15.91 -35.19 31.37
C LEU K 78 15.48 -34.84 29.95
N PHE K 79 15.97 -33.70 29.45
CA PHE K 79 15.62 -33.27 28.10
C PHE K 79 16.67 -33.68 27.10
N ASN K 80 16.21 -34.17 25.96
CA ASN K 80 17.14 -34.55 24.92
C ASN K 80 17.63 -33.21 24.39
N SER K 81 18.91 -32.89 24.57
CA SER K 81 19.45 -31.64 24.02
C SER K 81 18.89 -30.32 24.54
N PRO K 82 19.68 -29.24 24.41
CA PRO K 82 19.29 -27.89 24.85
C PRO K 82 18.26 -27.22 23.94
N THR K 83 18.36 -27.46 22.64
CA THR K 83 17.42 -26.87 21.70
C THR K 83 15.99 -27.19 22.08
N LEU K 84 15.69 -28.48 22.24
CA LEU K 84 14.35 -28.87 22.62
C LEU K 84 13.98 -28.36 24.01
N LEU K 85 14.97 -28.33 24.90
CA LEU K 85 14.76 -27.85 26.26
C LEU K 85 14.16 -26.46 26.17
N PHE K 86 14.84 -25.65 25.36
CA PHE K 86 14.47 -24.27 25.10
C PHE K 86 13.08 -24.11 24.52
N LEU K 87 12.69 -25.00 23.62
CA LEU K 87 11.38 -24.92 23.00
C LEU K 87 10.24 -25.57 23.78
N LEU K 88 10.52 -26.59 24.59
CA LEU K 88 9.41 -27.24 25.28
C LEU K 88 9.31 -27.17 26.79
N SER K 89 10.38 -26.78 27.47
CA SER K 89 10.38 -26.76 28.93
C SER K 89 9.75 -25.56 29.65
N ARG K 90 9.27 -25.81 30.86
CA ARG K 90 8.68 -24.76 31.68
C ARG K 90 9.76 -24.01 32.45
N GLY K 91 9.37 -22.94 33.15
CA GLY K 91 10.32 -22.14 33.91
C GLY K 91 10.93 -22.86 35.11
N LYS K 92 12.02 -22.33 35.62
CA LYS K 92 12.70 -22.93 36.76
C LYS K 92 11.77 -23.24 37.95
N ALA K 93 11.08 -22.23 38.46
CA ALA K 93 10.23 -22.45 39.59
C ALA K 93 9.17 -23.48 39.30
N ALA K 94 8.61 -23.45 38.09
CA ALA K 94 7.55 -24.40 37.76
C ALA K 94 8.05 -25.85 37.64
N THR K 95 9.23 -26.04 37.04
CA THR K 95 9.80 -27.37 36.89
C THR K 95 10.10 -27.95 38.29
N GLU K 96 10.75 -27.14 39.13
CA GLU K 96 11.13 -27.57 40.47
C GLU K 96 9.95 -27.80 41.41
N ASN K 97 8.77 -27.33 41.03
CA ASN K 97 7.61 -27.55 41.88
C ASN K 97 6.69 -28.64 41.36
N TRP K 98 7.18 -29.42 40.40
CA TRP K 98 6.38 -30.48 39.83
C TRP K 98 6.27 -31.64 40.82
N ILE K 100 4.01 -34.44 40.16
CA ILE K 100 2.80 -35.15 40.65
C ILE K 100 2.12 -34.28 41.67
N GLU K 101 0.88 -34.63 42.01
CA GLU K 101 0.09 -33.88 42.98
C GLU K 101 -0.15 -32.47 42.46
N ASN K 102 0.67 -32.04 41.51
CA ASN K 102 0.57 -30.71 40.92
C ASN K 102 1.26 -30.76 39.56
N LEU K 103 0.50 -31.20 38.56
CA LEU K 103 1.00 -31.34 37.19
C LEU K 103 0.95 -30.07 36.36
N PHE K 104 1.74 -30.04 35.29
CA PHE K 104 1.75 -28.90 34.40
C PHE K 104 0.42 -28.85 33.69
N GLU K 105 -0.11 -27.66 33.47
CA GLU K 105 -1.37 -27.49 32.73
C GLU K 105 -0.99 -26.67 31.50
N GLU K 106 -1.90 -26.51 30.56
CA GLU K 106 -1.60 -25.76 29.35
C GLU K 106 -1.17 -24.31 29.59
N LYS K 107 -0.20 -23.83 28.83
CA LYS K 107 0.31 -22.45 28.97
C LYS K 107 -0.01 -21.65 27.70
N GLN K 108 -0.63 -20.48 27.87
CA GLN K 108 -1.02 -19.61 26.75
C GLN K 108 0.11 -19.39 25.76
N ASN K 109 1.33 -19.48 26.25
CA ASN K 109 2.47 -19.27 25.40
C ASN K 109 3.23 -20.54 25.01
N ASP K 110 2.65 -21.72 25.23
CA ASP K 110 3.36 -22.96 24.85
C ASP K 110 3.67 -22.89 23.36
N THR K 111 4.91 -23.23 22.99
CA THR K 111 5.28 -23.19 21.59
C THR K 111 4.35 -23.98 20.67
N ALA K 112 4.27 -25.29 20.86
CA ALA K 112 3.43 -26.11 20.02
C ALA K 112 2.04 -26.32 20.62
N ASP K 113 1.06 -26.56 19.75
CA ASP K 113 -0.32 -26.82 20.18
C ASP K 113 -0.41 -28.31 20.39
N ILE K 114 0.21 -29.04 19.50
CA ILE K 114 0.22 -30.48 19.52
C ILE K 114 1.62 -30.96 19.22
N LEU K 115 2.03 -31.99 19.96
CA LEU K 115 3.35 -32.58 19.76
C LEU K 115 3.17 -34.02 19.28
N LEU K 116 4.03 -34.43 18.36
CA LEU K 116 4.02 -35.78 17.82
C LEU K 116 5.48 -36.22 17.82
N VAL K 117 5.77 -37.35 18.48
CA VAL K 117 7.15 -37.79 18.55
C VAL K 117 7.37 -39.29 18.38
N LYS K 118 8.54 -39.65 17.84
CA LYS K 118 8.93 -41.04 17.61
C LYS K 118 10.45 -41.16 17.49
N GLN K 120 13.56 -40.99 17.82
CA GLN K 120 13.51 -39.74 18.64
C GLN K 120 13.47 -38.47 17.79
N PHE K 121 12.29 -38.18 17.25
CA PHE K 121 12.12 -37.00 16.41
C PHE K 121 10.81 -36.33 16.78
N TYR K 122 10.86 -35.01 16.91
CA TYR K 122 9.67 -34.28 17.30
C TYR K 122 9.04 -33.41 16.22
N GLU K 123 7.70 -33.42 16.16
CA GLU K 123 6.97 -32.58 15.23
C GLU K 123 6.14 -31.58 16.01
N LEU K 124 6.52 -30.31 15.92
CA LEU K 124 5.80 -29.25 16.60
C LEU K 124 4.68 -28.75 15.69
N LEU K 125 3.45 -29.06 16.08
CA LEU K 125 2.30 -28.69 15.28
C LEU K 125 1.41 -27.63 15.89
N ASP K 126 1.23 -26.54 15.16
CA ASP K 126 0.40 -25.40 15.58
C ASP K 126 -0.83 -25.32 14.68
N VAL K 127 -2.03 -25.27 15.27
CA VAL K 127 -3.28 -25.19 14.52
C VAL K 127 -3.83 -23.76 14.47
N LYS K 128 -3.81 -23.14 13.30
CA LYS K 128 -4.32 -21.79 13.16
C LYS K 128 -5.71 -21.84 12.55
N THR K 129 -6.60 -20.90 12.91
CA THR K 129 -7.93 -20.87 12.32
C THR K 129 -8.11 -19.53 11.58
N ARG K 130 -8.94 -19.53 10.54
CA ARG K 130 -9.18 -18.32 9.76
C ARG K 130 -10.65 -18.17 9.37
N ASN K 131 -11.26 -17.04 9.74
CA ASN K 131 -12.64 -16.80 9.33
C ASN K 131 -12.48 -16.37 7.88
N ILE K 132 -12.84 -17.23 6.94
CA ILE K 132 -12.66 -16.85 5.54
C ILE K 132 -13.69 -15.90 4.95
N SER K 133 -14.73 -15.57 5.72
CA SER K 133 -15.78 -14.68 5.20
C SER K 133 -15.29 -13.23 5.10
N LYS K 134 -13.99 -13.04 5.28
CA LYS K 134 -13.42 -11.71 5.17
C LYS K 134 -11.96 -11.81 4.79
N SER K 135 -11.45 -10.77 4.16
CA SER K 135 -10.07 -10.73 3.76
C SER K 135 -9.26 -10.07 4.87
N ALA K 136 -8.38 -10.81 5.52
CA ALA K 136 -7.60 -10.21 6.58
C ALA K 136 -6.11 -10.35 6.44
N GLN K 137 -5.40 -9.68 7.32
CA GLN K 137 -3.95 -9.74 7.41
C GLN K 137 -3.52 -11.14 7.85
N ALA K 138 -2.29 -11.51 7.54
CA ALA K 138 -1.74 -12.81 7.93
C ALA K 138 -1.61 -12.84 9.45
N PRO K 139 -1.95 -13.98 10.07
CA PRO K 139 -1.84 -14.05 11.53
C PRO K 139 -0.44 -14.26 12.04
N ASN K 140 -0.32 -14.14 13.35
CA ASN K 140 0.92 -14.36 14.06
C ASN K 140 1.22 -15.86 13.87
N ILE K 141 2.40 -16.17 13.36
CA ILE K 141 2.77 -17.56 13.16
C ILE K 141 3.64 -18.05 14.30
N ILE K 142 4.70 -17.33 14.60
CA ILE K 142 5.62 -17.70 15.67
C ILE K 142 6.62 -16.56 15.89
N SER K 143 7.21 -16.45 17.07
CA SER K 143 8.16 -15.36 17.31
C SER K 143 9.42 -15.37 16.45
N ALA K 144 9.77 -14.23 15.85
CA ALA K 144 10.97 -14.17 15.03
C ALA K 144 12.16 -14.31 15.96
N TYR K 145 11.98 -13.85 17.20
CA TYR K 145 13.03 -13.93 18.19
C TYR K 145 13.18 -15.34 18.74
N LYS K 146 12.06 -16.00 19.08
CA LYS K 146 12.15 -17.38 19.56
C LYS K 146 12.81 -18.24 18.48
N LEU K 147 12.48 -17.95 17.22
CA LEU K 147 13.04 -18.67 16.05
C LEU K 147 14.52 -18.38 15.86
N ALA K 148 14.96 -17.17 16.19
CA ALA K 148 16.40 -16.85 16.03
C ALA K 148 17.22 -17.57 17.10
N GLN K 149 16.69 -17.63 18.32
CA GLN K 149 17.41 -18.31 19.38
C GLN K 149 17.43 -19.80 19.07
N THR K 150 16.30 -20.32 18.59
CA THR K 150 16.19 -21.73 18.24
C THR K 150 17.23 -22.13 17.19
N CYS K 151 17.44 -21.25 16.22
CA CYS K 151 18.41 -21.51 15.16
C CYS K 151 19.85 -21.54 15.67
N ALA K 152 20.25 -20.49 16.40
CA ALA K 152 21.60 -20.43 16.94
C ALA K 152 21.87 -21.65 17.80
N LYS K 153 20.90 -22.03 18.62
CA LYS K 153 21.04 -23.20 19.48
C LYS K 153 21.33 -24.44 18.64
N MET K 154 20.60 -24.55 17.54
CA MET K 154 20.76 -25.67 16.63
C MET K 154 22.16 -25.72 16.05
N ILE K 155 22.67 -24.57 15.60
CA ILE K 155 23.98 -24.54 15.01
C ILE K 155 25.03 -24.77 16.09
N ASP K 156 24.77 -24.30 17.30
CA ASP K 156 25.69 -24.45 18.43
C ASP K 156 25.76 -25.87 19.00
N ASN K 157 24.78 -26.70 18.69
CA ASN K 157 24.78 -28.06 19.22
C ASN K 157 24.79 -29.07 18.10
N LYS K 158 24.76 -28.58 16.87
CA LYS K 158 24.73 -29.45 15.73
C LYS K 158 23.56 -30.42 15.92
N GLU K 159 22.34 -29.88 16.03
CA GLU K 159 21.12 -30.67 16.18
C GLU K 159 20.19 -30.36 15.00
N PHE K 160 20.66 -30.66 13.79
CA PHE K 160 19.95 -30.41 12.55
C PHE K 160 19.07 -31.56 12.10
N ASP K 161 18.52 -32.34 13.01
CA ASP K 161 17.68 -33.48 12.60
C ASP K 161 16.94 -34.02 13.80
N LEU K 162 16.20 -33.15 14.47
CA LEU K 162 15.48 -33.51 15.68
C LEU K 162 13.98 -33.17 15.71
N PHE K 163 13.63 -32.04 15.09
CA PHE K 163 12.25 -31.60 15.10
C PHE K 163 11.92 -30.81 13.86
N ASP K 164 10.61 -30.62 13.67
CA ASP K 164 10.04 -29.85 12.57
C ASP K 164 8.91 -28.98 13.15
N ILE K 165 8.70 -27.81 12.54
CA ILE K 165 7.63 -26.94 12.99
C ILE K 165 6.62 -26.84 11.86
N ASN K 166 5.47 -27.47 12.03
CA ASN K 166 4.48 -27.47 10.97
C ASN K 166 3.21 -26.72 11.34
N TYR K 167 2.43 -26.35 10.33
CA TYR K 167 1.19 -25.59 10.54
C TYR K 167 0.00 -26.13 9.77
N LEU K 168 -1.12 -26.17 10.47
CA LEU K 168 -2.35 -26.64 9.89
C LEU K 168 -3.35 -25.51 9.99
N GLU K 169 -3.67 -24.94 8.84
CA GLU K 169 -4.63 -23.84 8.78
C GLU K 169 -6.05 -24.43 8.61
N VAL K 170 -6.99 -23.96 9.41
CA VAL K 170 -8.34 -24.45 9.31
C VAL K 170 -9.21 -23.25 8.97
N ASP K 171 -9.83 -23.29 7.79
CA ASP K 171 -10.68 -22.19 7.32
C ASP K 171 -12.15 -22.41 7.67
N TRP K 172 -12.85 -21.36 8.07
CA TRP K 172 -14.25 -21.50 8.43
C TRP K 172 -15.06 -20.24 8.14
N GLU K 173 -16.38 -20.41 8.19
CA GLU K 173 -17.34 -19.31 7.98
C GLU K 173 -18.58 -19.57 8.82
N LEU K 174 -19.43 -18.55 8.92
CA LEU K 174 -20.66 -18.64 9.69
C LEU K 174 -21.80 -19.14 8.80
N ASN K 175 -22.18 -20.40 8.99
CA ASN K 175 -23.26 -21.00 8.22
C ASN K 175 -24.37 -21.38 9.18
N GLY K 176 -25.42 -20.58 9.21
CA GLY K 176 -26.53 -20.86 10.10
C GLY K 176 -26.28 -20.37 11.52
N GLU K 177 -26.56 -21.24 12.49
CA GLU K 177 -26.38 -20.91 13.90
C GLU K 177 -25.01 -21.36 14.40
N ASP K 178 -24.22 -21.96 13.51
CA ASP K 178 -22.90 -22.44 13.88
C ASP K 178 -21.82 -22.13 12.86
N LEU K 179 -20.58 -22.43 13.23
CA LEU K 179 -19.44 -22.18 12.35
C LEU K 179 -19.12 -23.46 11.59
N VAL K 180 -19.01 -23.36 10.27
CA VAL K 180 -18.69 -24.52 9.45
C VAL K 180 -17.30 -24.42 8.84
N CYS K 181 -16.61 -25.55 8.72
CA CYS K 181 -15.29 -25.54 8.13
C CYS K 181 -15.44 -25.78 6.63
N VAL K 182 -14.77 -24.97 5.83
CA VAL K 182 -14.85 -25.09 4.38
C VAL K 182 -13.55 -25.51 3.69
N SER K 183 -12.44 -25.50 4.42
CA SER K 183 -11.16 -25.89 3.82
C SER K 183 -9.98 -26.05 4.81
N THR K 184 -8.81 -26.42 4.26
CA THR K 184 -7.62 -26.59 5.07
C THR K 184 -6.38 -26.33 4.25
N SER K 185 -5.28 -26.01 4.94
CA SER K 185 -3.97 -25.75 4.34
C SER K 185 -2.95 -26.31 5.34
N PHE K 186 -1.89 -26.93 4.85
CA PHE K 186 -0.87 -27.50 5.72
C PHE K 186 0.49 -27.08 5.19
N ALA K 187 1.43 -26.71 6.07
CA ALA K 187 2.75 -26.33 5.59
C ALA K 187 3.84 -26.54 6.62
N GLU K 188 5.06 -26.73 6.13
CA GLU K 188 6.21 -26.97 6.95
C GLU K 188 7.09 -25.72 6.98
N LEU K 189 7.32 -25.18 8.17
CA LEU K 189 8.11 -23.96 8.29
C LEU K 189 9.47 -24.11 7.65
N PHE K 190 10.16 -25.19 7.98
CA PHE K 190 11.48 -25.39 7.44
C PHE K 190 11.54 -25.70 5.95
N LYS K 191 10.40 -25.69 5.29
CA LYS K 191 10.36 -25.92 3.84
C LYS K 191 10.22 -24.59 3.10
N SER K 192 10.07 -23.49 3.83
CA SER K 192 9.91 -22.18 3.20
C SER K 192 11.25 -21.48 3.01
N GLU K 193 11.30 -20.45 2.17
CA GLU K 193 12.56 -19.73 2.02
C GLU K 193 12.63 -18.82 3.23
N PRO K 194 13.56 -19.10 4.16
CA PRO K 194 13.64 -18.26 5.36
C PRO K 194 13.85 -16.81 5.02
N SER K 195 14.75 -16.57 4.09
CA SER K 195 15.04 -15.22 3.68
C SER K 195 13.88 -14.81 2.79
N GLU K 196 12.72 -14.62 3.41
CA GLU K 196 11.51 -14.22 2.70
C GLU K 196 10.30 -14.25 3.65
N LEU K 197 10.56 -14.54 4.92
CA LEU K 197 9.49 -14.56 5.91
C LEU K 197 9.30 -13.12 6.39
N TYR K 198 8.06 -12.69 6.56
CA TYR K 198 7.84 -11.32 7.02
C TYR K 198 7.82 -11.31 8.55
N ILE K 199 8.69 -10.49 9.11
CA ILE K 199 8.78 -10.33 10.55
C ILE K 199 8.00 -9.06 10.89
N ASN K 200 6.89 -9.22 11.61
CA ASN K 200 6.10 -8.05 12.01
C ASN K 200 6.56 -7.65 13.41
N TRP K 201 7.56 -6.78 13.46
CA TRP K 201 8.13 -6.34 14.73
C TRP K 201 7.13 -5.90 15.77
N ALA K 202 6.21 -5.02 15.39
CA ALA K 202 5.21 -4.53 16.31
C ALA K 202 4.31 -5.63 16.86
N ALA K 203 3.96 -6.59 16.01
CA ALA K 203 3.07 -7.65 16.40
C ALA K 203 3.81 -8.76 17.11
N ALA K 204 4.37 -8.46 18.28
CA ALA K 204 5.08 -9.46 19.06
C ALA K 204 6.32 -10.01 18.33
N MET K 205 6.86 -9.24 17.38
CA MET K 205 8.03 -9.71 16.66
C MET K 205 7.70 -11.06 16.00
N GLN K 206 6.45 -11.20 15.57
CA GLN K 206 6.02 -12.44 14.96
C GLN K 206 6.23 -12.58 13.44
N ILE K 207 6.50 -13.81 13.03
CA ILE K 207 6.59 -14.14 11.62
C ILE K 207 5.11 -14.13 11.24
N GLN K 208 4.78 -13.57 10.09
CA GLN K 208 3.37 -13.54 9.65
C GLN K 208 3.16 -13.99 8.22
N PHE K 209 2.30 -14.98 8.05
CA PHE K 209 1.98 -15.50 6.73
C PHE K 209 0.72 -16.37 6.83
N HIS K 210 0.05 -16.57 5.69
CA HIS K 210 -1.13 -17.42 5.65
C HIS K 210 -0.62 -18.80 5.26
N VAL K 211 -0.90 -19.81 6.08
CA VAL K 211 -0.44 -21.16 5.82
C VAL K 211 -0.67 -21.60 4.38
N ARG K 212 -1.81 -21.18 3.84
CA ARG K 212 -2.19 -21.50 2.47
C ARG K 212 -1.21 -21.00 1.40
N ASP K 213 -0.62 -19.84 1.63
CA ASP K 213 0.29 -19.24 0.67
C ASP K 213 1.76 -19.45 0.97
N LEU K 214 2.08 -20.21 2.01
CA LEU K 214 3.48 -20.42 2.34
C LEU K 214 4.25 -21.20 1.28
N ASP K 215 5.40 -20.68 0.88
CA ASP K 215 6.26 -21.31 -0.11
C ASP K 215 6.83 -22.58 0.48
N GLN K 216 7.02 -23.60 -0.34
CA GLN K 216 7.55 -24.88 0.14
C GLN K 216 8.69 -25.46 -0.69
N GLY K 217 9.47 -24.58 -1.33
CA GLY K 217 10.56 -25.02 -2.19
C GLY K 217 12.03 -24.84 -1.79
N PHE K 218 12.32 -24.64 -0.51
CA PHE K 218 13.71 -24.51 -0.07
C PHE K 218 14.33 -25.87 -0.34
N ASN K 219 15.52 -25.90 -0.95
CA ASN K 219 16.15 -27.19 -1.25
C ASN K 219 17.36 -27.46 -0.35
N GLY K 220 17.85 -26.41 0.30
CA GLY K 220 19.00 -26.58 1.15
C GLY K 220 18.84 -27.54 2.31
N THR K 221 19.90 -27.62 3.12
CA THR K 221 19.93 -28.47 4.31
C THR K 221 19.30 -27.69 5.47
N ARG K 222 18.98 -28.37 6.57
CA ARG K 222 18.39 -27.67 7.72
C ARG K 222 19.38 -26.63 8.24
N GLU K 223 20.65 -26.97 8.23
CA GLU K 223 21.68 -26.04 8.68
C GLU K 223 21.63 -24.76 7.87
N GLU K 224 21.69 -24.90 6.55
CA GLU K 224 21.65 -23.74 5.68
C GLU K 224 20.46 -22.80 5.97
N TRP K 225 19.33 -23.38 6.35
CA TRP K 225 18.12 -22.62 6.63
C TRP K 225 18.36 -21.77 7.87
N ALA K 226 18.89 -22.40 8.91
CA ALA K 226 19.14 -21.70 10.14
C ALA K 226 20.09 -20.55 9.85
N LYS K 227 21.16 -20.81 9.11
CA LYS K 227 22.10 -19.74 8.78
C LYS K 227 21.43 -18.68 7.94
N SER K 228 20.59 -19.10 7.00
CA SER K 228 19.91 -18.16 6.13
C SER K 228 18.96 -17.32 6.97
N TYR K 229 18.16 -18.00 7.79
CA TYR K 229 17.22 -17.27 8.64
C TYR K 229 17.93 -16.31 9.60
N LEU K 230 19.06 -16.72 10.19
CA LEU K 230 19.75 -15.81 11.09
C LEU K 230 20.22 -14.54 10.38
N LYS K 231 20.77 -14.68 9.18
CA LYS K 231 21.22 -13.49 8.44
C LYS K 231 20.05 -12.54 8.15
N HIS K 232 18.86 -13.10 7.91
CA HIS K 232 17.65 -12.31 7.61
C HIS K 232 17.16 -11.62 8.87
N PHE K 233 17.19 -12.34 9.99
CA PHE K 233 16.73 -11.77 11.25
C PHE K 233 17.57 -10.57 11.67
N VAL K 234 18.88 -10.70 11.56
CA VAL K 234 19.78 -9.62 11.89
C VAL K 234 19.45 -8.42 11.00
N THR K 235 19.42 -8.63 9.69
CA THR K 235 19.11 -7.55 8.74
C THR K 235 17.86 -6.75 9.10
N GLN K 236 16.73 -7.45 9.16
CA GLN K 236 15.47 -6.83 9.47
C GLN K 236 15.47 -6.19 10.86
N ALA K 237 16.20 -6.77 11.81
CA ALA K 237 16.23 -6.14 13.13
C ALA K 237 16.96 -4.80 12.95
N GLU K 238 18.01 -4.80 12.13
CA GLU K 238 18.73 -3.56 11.91
C GLU K 238 17.83 -2.55 11.18
N GLN K 239 17.18 -2.98 10.10
CA GLN K 239 16.32 -2.07 9.36
C GLN K 239 15.13 -1.59 10.22
N ARG K 240 14.67 -2.42 11.14
CA ARG K 240 13.55 -2.01 11.98
C ARG K 240 14.00 -0.93 12.95
N ALA K 241 15.20 -1.07 13.48
CA ALA K 241 15.73 -0.08 14.41
C ALA K 241 15.79 1.29 13.71
N ILE K 242 16.23 1.30 12.45
CA ILE K 242 16.31 2.54 11.69
C ILE K 242 14.94 3.18 11.48
N SER K 243 13.99 2.39 10.98
CA SER K 243 12.66 2.92 10.71
C SER K 243 11.95 3.41 11.98
N MET K 244 12.29 2.84 13.14
CA MET K 244 11.66 3.30 14.36
C MET K 244 11.96 4.78 14.54
N ILE K 245 13.19 5.15 14.19
CA ILE K 245 13.62 6.53 14.30
C ILE K 245 12.86 7.38 13.29
N ASP K 246 12.67 6.86 12.08
CA ASP K 246 11.95 7.61 11.05
C ASP K 246 10.46 7.79 11.33
N LYS K 247 9.83 6.77 11.91
CA LYS K 247 8.40 6.81 12.19
C LYS K 247 7.97 7.21 13.60
N PHE K 248 8.69 6.77 14.62
CA PHE K 248 8.30 7.09 15.98
C PHE K 248 9.07 8.23 16.63
N VAL K 249 10.09 8.76 15.93
CA VAL K 249 10.88 9.84 16.50
C VAL K 249 10.80 11.14 15.71
N LYS K 250 11.30 11.12 14.48
CA LYS K 250 11.31 12.32 13.64
C LYS K 250 9.98 13.08 13.64
N PRO K 251 8.86 12.37 13.40
CA PRO K 251 7.54 13.01 13.37
C PRO K 251 7.06 13.65 14.66
N PHE K 252 7.70 13.38 15.78
CA PHE K 252 7.24 13.97 17.04
C PHE K 252 8.18 14.98 17.68
N LYS K 253 9.31 15.22 17.03
CA LYS K 253 10.28 16.17 17.55
C LYS K 253 9.64 17.54 17.75
N LYS K 254 8.82 17.97 16.77
CA LYS K 254 8.11 19.26 16.79
C LYS K 254 7.48 19.59 18.14
N TYR K 255 6.80 18.62 18.72
CA TYR K 255 6.11 18.80 19.99
C TYR K 255 7.02 18.72 21.23
N ILE K 256 8.33 18.92 21.05
CA ILE K 256 9.29 18.90 22.16
C ILE K 256 10.30 20.06 22.08
N SER L 1 -15.23 11.94 33.96
CA SER L 1 -15.83 10.57 33.90
C SER L 1 -17.29 10.52 34.34
N PHE L 2 -18.13 9.88 33.53
CA PHE L 2 -19.54 9.74 33.88
C PHE L 2 -19.65 8.44 34.63
N ILE L 3 -18.50 7.77 34.80
CA ILE L 3 -18.45 6.50 35.50
C ILE L 3 -18.16 6.65 36.98
N LYS L 4 -17.20 7.50 37.32
CA LYS L 4 -16.81 7.69 38.72
C LYS L 4 -17.97 7.91 39.70
N PRO L 5 -18.90 8.82 39.38
CA PRO L 5 -20.00 9.02 40.32
C PRO L 5 -20.82 7.77 40.73
N ILE L 6 -20.76 6.71 39.95
CA ILE L 6 -21.50 5.51 40.32
C ILE L 6 -20.62 4.25 40.34
N TYR L 7 -19.32 4.46 40.56
CA TYR L 7 -18.38 3.34 40.60
C TYR L 7 -18.63 2.35 41.76
N GLN L 8 -19.03 2.87 42.92
CA GLN L 8 -19.29 2.02 44.08
C GLN L 8 -20.43 1.07 43.78
N ASP L 9 -21.38 1.50 42.96
CA ASP L 9 -22.49 0.65 42.61
C ASP L 9 -22.05 -0.51 41.71
N ILE L 10 -21.26 -0.21 40.69
CA ILE L 10 -20.78 -1.25 39.79
C ILE L 10 -20.02 -2.27 40.61
N ASN L 11 -19.00 -1.80 41.35
CA ASN L 11 -18.18 -2.66 42.19
C ASN L 11 -19.11 -3.50 43.08
N SER L 12 -20.16 -2.86 43.57
CA SER L 12 -21.14 -3.55 44.41
C SER L 12 -21.81 -4.68 43.65
N ILE L 13 -22.44 -4.36 42.53
CA ILE L 13 -23.15 -5.33 41.70
C ILE L 13 -22.27 -6.39 41.06
N LEU L 14 -21.01 -6.05 40.81
CA LEU L 14 -20.07 -6.99 40.18
C LEU L 14 -19.52 -8.06 41.12
N ILE L 15 -18.97 -7.65 42.27
CA ILE L 15 -18.43 -8.62 43.21
C ILE L 15 -19.52 -9.64 43.55
N GLY L 16 -19.38 -10.81 42.93
CA GLY L 16 -20.34 -11.90 43.05
C GLY L 16 -20.71 -12.20 41.61
N GLN L 17 -21.92 -12.72 41.36
CA GLN L 17 -22.37 -13.02 39.99
C GLN L 17 -22.09 -14.43 39.46
N LYS L 18 -20.81 -14.74 39.26
CA LYS L 18 -20.41 -16.07 38.79
C LYS L 18 -20.75 -16.22 37.31
N VAL L 19 -19.87 -16.87 36.55
CA VAL L 19 -20.09 -17.04 35.12
C VAL L 19 -19.66 -18.37 34.49
N LYS L 20 -20.08 -19.49 35.07
CA LYS L 20 -19.76 -20.83 34.56
C LYS L 20 -18.37 -21.03 33.98
N ARG L 21 -18.25 -22.05 33.13
CA ARG L 21 -16.96 -22.38 32.50
C ARG L 21 -16.50 -21.26 31.58
N ALA L 31 -10.88 -13.42 26.68
CA ALA L 31 -11.82 -14.45 26.30
C ALA L 31 -12.74 -14.82 27.44
N ALA L 32 -12.20 -15.50 28.44
CA ALA L 32 -12.95 -15.93 29.62
C ALA L 32 -13.63 -14.79 30.39
N GLY L 33 -12.99 -13.63 30.45
CA GLY L 33 -13.57 -12.52 31.19
C GLY L 33 -14.72 -11.81 30.48
N GLU L 34 -14.86 -12.03 29.18
CA GLU L 34 -15.92 -11.42 28.35
C GLU L 34 -17.28 -11.17 29.02
N PRO L 35 -17.87 -12.20 29.66
CA PRO L 35 -19.17 -12.12 30.35
C PRO L 35 -19.28 -11.01 31.38
N PHE L 36 -18.17 -10.68 32.03
CA PHE L 36 -18.17 -9.62 33.00
C PHE L 36 -18.33 -8.30 32.28
N GLU L 37 -17.55 -8.14 31.21
CA GLU L 37 -17.63 -6.91 30.44
C GLU L 37 -19.06 -6.72 29.95
N LYS L 38 -19.72 -7.82 29.63
CA LYS L 38 -21.09 -7.77 29.15
C LYS L 38 -21.96 -7.27 30.30
N LEU L 39 -21.63 -7.69 31.52
CA LEU L 39 -22.38 -7.25 32.69
C LEU L 39 -22.14 -5.77 32.97
N VAL L 40 -20.96 -5.26 32.60
CA VAL L 40 -20.68 -3.85 32.81
C VAL L 40 -21.48 -3.00 31.83
N TYR L 41 -21.68 -3.51 30.62
CA TYR L 41 -22.43 -2.79 29.60
C TYR L 41 -23.90 -2.68 30.00
N LYS L 42 -24.50 -3.82 30.33
CA LYS L 42 -25.89 -3.92 30.73
C LYS L 42 -26.17 -2.96 31.87
N PHE L 43 -25.35 -3.03 32.92
CA PHE L 43 -25.54 -2.13 34.05
C PHE L 43 -25.59 -0.66 33.63
N LEU L 44 -24.66 -0.25 32.76
CA LEU L 44 -24.57 1.12 32.27
C LEU L 44 -25.75 1.47 31.38
N LYS L 45 -26.29 0.46 30.69
CA LYS L 45 -27.44 0.68 29.83
C LYS L 45 -28.74 0.84 30.61
N GLU L 46 -28.74 0.50 31.90
CA GLU L 46 -29.94 0.61 32.71
C GLU L 46 -29.80 1.59 33.87
N ASN L 47 -28.83 2.50 33.78
CA ASN L 47 -28.59 3.50 34.80
C ASN L 47 -28.05 4.75 34.14
N LEU L 48 -27.52 4.57 32.93
CA LEU L 48 -26.98 5.65 32.12
C LEU L 48 -27.36 5.41 30.65
N SER L 49 -28.53 4.77 30.47
CA SER L 49 -29.08 4.41 29.16
C SER L 49 -28.78 5.38 28.01
N ASP L 50 -29.13 6.64 28.20
CA ASP L 50 -28.92 7.63 27.16
C ASP L 50 -27.46 8.00 26.85
N LEU L 51 -26.52 7.61 27.70
CA LEU L 51 -25.11 7.95 27.45
C LEU L 51 -24.22 6.78 27.00
N THR L 52 -24.74 5.57 27.16
CA THR L 52 -24.01 4.35 26.87
C THR L 52 -24.07 3.78 25.45
N PHE L 53 -22.89 3.56 24.88
CA PHE L 53 -22.78 3.01 23.53
C PHE L 53 -21.61 2.09 23.40
N LYS L 54 -21.70 1.18 22.43
CA LYS L 54 -20.57 0.33 22.10
C LYS L 54 -20.02 1.23 20.98
N GLN L 55 -18.72 1.25 20.75
CA GLN L 55 -18.19 2.13 19.74
C GLN L 55 -18.90 2.07 18.36
N TYR L 56 -19.32 0.88 17.95
CA TYR L 56 -19.98 0.78 16.66
C TYR L 56 -21.42 1.28 16.72
N GLU L 57 -22.11 1.04 17.85
CA GLU L 57 -23.49 1.52 18.00
C GLU L 57 -23.52 3.03 17.84
N TYR L 58 -22.61 3.70 18.54
CA TYR L 58 -22.54 5.13 18.45
C TYR L 58 -22.33 5.57 17.01
N LEU L 59 -21.46 4.86 16.28
CA LEU L 59 -21.23 5.21 14.90
C LEU L 59 -22.51 4.99 14.09
N ASN L 60 -23.19 3.89 14.36
CA ASN L 60 -24.42 3.61 13.66
C ASN L 60 -25.35 4.78 13.91
N ASP L 61 -25.50 5.19 15.17
CA ASP L 61 -26.37 6.32 15.50
C ASP L 61 -25.92 7.63 14.85
N LEU L 62 -24.63 7.89 14.81
CA LEU L 62 -24.14 9.10 14.20
C LEU L 62 -24.56 9.20 12.72
N PHE L 63 -24.39 8.11 11.97
CA PHE L 63 -24.72 8.13 10.55
C PHE L 63 -26.23 8.16 10.33
N MET L 64 -26.97 7.55 11.24
CA MET L 64 -28.43 7.68 11.18
C MET L 64 -28.45 9.12 11.72
N LYS L 65 -29.61 9.78 11.78
CA LYS L 65 -29.64 11.18 12.27
C LYS L 65 -29.12 12.15 11.19
N ASN L 66 -28.25 11.65 10.32
CA ASN L 66 -27.71 12.43 9.22
C ASN L 66 -27.89 11.62 7.95
N PRO L 67 -29.12 11.16 7.68
CA PRO L 67 -29.39 10.37 6.49
C PRO L 67 -29.06 11.05 5.15
N ALA L 68 -29.18 12.35 5.09
CA ALA L 68 -28.90 13.06 3.84
C ALA L 68 -27.41 13.19 3.55
N ILE L 69 -26.60 12.63 4.45
CA ILE L 69 -25.16 12.71 4.31
C ILE L 69 -24.56 11.38 3.86
N ILE L 70 -24.28 11.26 2.58
CA ILE L 70 -23.72 10.03 2.05
C ILE L 70 -22.32 10.30 1.54
N GLY L 71 -21.56 9.25 1.26
CA GLY L 71 -20.19 9.44 0.80
C GLY L 71 -19.27 9.44 2.01
N HIS L 72 -18.06 8.91 1.88
CA HIS L 72 -17.18 8.89 3.04
C HIS L 72 -16.69 10.28 3.51
N GLU L 73 -16.42 11.21 2.57
CA GLU L 73 -15.95 12.52 3.00
C GLU L 73 -16.98 13.24 3.86
N ALA L 74 -18.22 13.22 3.42
CA ALA L 74 -19.24 13.92 4.17
C ALA L 74 -19.51 13.33 5.55
N ARG L 75 -19.44 12.00 5.64
CA ARG L 75 -19.66 11.34 6.92
C ARG L 75 -18.48 11.57 7.87
N TYR L 76 -17.27 11.61 7.34
CA TYR L 76 -16.12 11.89 8.21
C TYR L 76 -16.30 13.22 8.94
N LYS L 77 -16.86 14.22 8.25
CA LYS L 77 -17.06 15.53 8.86
C LYS L 77 -18.05 15.49 10.01
N LEU L 78 -18.87 14.45 10.07
CA LEU L 78 -19.85 14.32 11.15
C LEU L 78 -19.23 14.28 12.54
N PHE L 79 -18.00 13.77 12.64
CA PHE L 79 -17.30 13.69 13.92
C PHE L 79 -16.97 15.08 14.50
N ASN L 80 -16.82 16.06 13.60
CA ASN L 80 -16.53 17.43 14.01
C ASN L 80 -15.25 17.51 14.85
N SER L 81 -14.28 16.63 14.59
CA SER L 81 -13.05 16.59 15.38
C SER L 81 -12.02 15.63 14.84
N PRO L 82 -10.85 16.12 14.46
CA PRO L 82 -9.85 15.21 13.93
C PRO L 82 -9.35 14.20 14.98
N THR L 83 -9.32 14.60 16.24
CA THR L 83 -8.83 13.67 17.24
C THR L 83 -9.83 12.55 17.48
N LEU L 84 -11.11 12.90 17.54
CA LEU L 84 -12.16 11.92 17.77
C LEU L 84 -12.35 11.02 16.52
N LEU L 85 -12.16 11.58 15.34
CA LEU L 85 -12.28 10.81 14.11
C LEU L 85 -11.15 9.76 14.08
N PHE L 86 -9.95 10.15 14.48
CA PHE L 86 -8.83 9.21 14.50
C PHE L 86 -9.10 8.07 15.48
N LEU L 87 -9.61 8.42 16.64
CA LEU L 87 -9.93 7.50 17.69
C LEU L 87 -11.12 6.57 17.41
N LEU L 88 -12.23 7.15 16.97
CA LEU L 88 -13.45 6.40 16.78
C LEU L 88 -13.91 5.99 15.40
N SER L 89 -13.21 6.37 14.35
CA SER L 89 -13.69 6.03 13.02
C SER L 89 -13.17 4.78 12.33
N ARG L 90 -13.98 4.27 11.39
CA ARG L 90 -13.64 3.11 10.58
C ARG L 90 -13.04 3.65 9.28
N GLY L 91 -12.56 2.73 8.44
CA GLY L 91 -11.95 3.11 7.19
C GLY L 91 -12.86 3.74 6.16
N LYS L 92 -12.24 4.08 5.04
CA LYS L 92 -12.89 4.71 3.91
C LYS L 92 -14.02 3.85 3.35
N ALA L 93 -13.66 2.71 2.79
CA ALA L 93 -14.62 1.79 2.19
C ALA L 93 -15.82 1.46 3.07
N ALA L 94 -15.53 1.08 4.31
CA ALA L 94 -16.62 0.72 5.22
C ALA L 94 -17.50 1.93 5.51
N THR L 95 -16.89 3.11 5.54
CA THR L 95 -17.64 4.30 5.84
C THR L 95 -18.48 4.67 4.63
N GLU L 96 -17.92 4.59 3.41
CA GLU L 96 -18.68 4.88 2.19
C GLU L 96 -19.89 3.91 2.14
N ASN L 97 -19.64 2.61 2.29
CA ASN L 97 -20.72 1.64 2.23
C ASN L 97 -21.58 1.48 3.49
N TRP L 98 -21.62 2.49 4.34
CA TRP L 98 -22.42 2.45 5.55
C TRP L 98 -23.90 2.04 5.41
N SER L 99 -24.77 2.91 4.92
CA SER L 99 -26.22 2.57 4.81
C SER L 99 -26.97 2.07 6.08
N ILE L 100 -28.23 2.45 6.22
CA ILE L 100 -29.03 2.00 7.35
C ILE L 100 -29.40 0.52 7.24
N GLU L 101 -29.06 -0.10 6.12
CA GLU L 101 -29.30 -1.52 5.96
C GLU L 101 -27.97 -2.22 6.15
N ASN L 102 -26.88 -1.48 6.04
CA ASN L 102 -25.55 -2.05 6.18
C ASN L 102 -24.76 -1.47 7.37
N LEU L 103 -25.27 -1.74 8.57
CA LEU L 103 -24.70 -1.27 9.83
C LEU L 103 -23.27 -1.71 10.16
N PHE L 104 -22.65 -1.02 11.11
CA PHE L 104 -21.31 -1.34 11.57
C PHE L 104 -21.47 -2.42 12.61
N GLU L 105 -20.47 -3.29 12.74
CA GLU L 105 -20.49 -4.33 13.75
C GLU L 105 -19.19 -4.18 14.56
N GLU L 106 -19.08 -4.87 15.69
CA GLU L 106 -17.85 -4.75 16.48
C GLU L 106 -16.64 -5.17 15.65
N LYS L 107 -15.59 -4.38 15.75
CA LYS L 107 -14.35 -4.66 15.05
C LYS L 107 -13.28 -4.84 16.14
N GLN L 108 -12.53 -5.94 16.04
CA GLN L 108 -11.50 -6.27 17.01
C GLN L 108 -10.66 -5.05 17.37
N ASN L 109 -10.50 -4.19 16.38
CA ASN L 109 -9.72 -2.97 16.47
C ASN L 109 -10.26 -1.82 17.30
N ASP L 110 -11.57 -1.76 17.52
CA ASP L 110 -12.16 -0.62 18.22
C ASP L 110 -11.46 -0.13 19.51
N THR L 111 -11.14 1.16 19.48
CA THR L 111 -10.43 1.85 20.54
C THR L 111 -11.06 1.70 21.91
N ALA L 112 -12.34 1.97 21.97
CA ALA L 112 -13.07 1.88 23.23
C ALA L 112 -14.00 0.68 23.21
N ASP L 113 -14.27 0.12 24.39
CA ASP L 113 -15.21 -0.98 24.47
C ASP L 113 -16.59 -0.41 24.62
N ILE L 114 -16.67 0.68 25.37
CA ILE L 114 -17.92 1.38 25.66
C ILE L 114 -17.68 2.87 25.54
N LEU L 115 -18.59 3.57 24.87
CA LEU L 115 -18.45 4.99 24.68
C LEU L 115 -19.54 5.73 25.46
N LEU L 116 -19.14 6.60 26.37
CA LEU L 116 -20.10 7.38 27.14
C LEU L 116 -19.97 8.83 26.71
N VAL L 117 -21.06 9.39 26.16
CA VAL L 117 -21.03 10.75 25.68
C VAL L 117 -22.26 11.56 26.05
N LYS L 118 -22.03 12.81 26.43
CA LYS L 118 -23.09 13.72 26.80
C LYS L 118 -22.59 15.13 26.61
N ASP L 119 -23.34 15.95 25.87
CA ASP L 119 -22.96 17.35 25.65
C ASP L 119 -21.63 17.51 24.92
N GLN L 120 -21.41 16.67 23.91
CA GLN L 120 -20.19 16.71 23.12
C GLN L 120 -18.93 16.23 23.86
N PHE L 121 -19.06 15.76 25.09
CA PHE L 121 -17.87 15.27 25.81
C PHE L 121 -17.86 13.73 25.73
N TYR L 122 -16.68 13.13 25.65
CA TYR L 122 -16.62 11.66 25.56
C TYR L 122 -15.71 10.94 26.54
N GLU L 123 -16.21 9.83 27.07
CA GLU L 123 -15.43 9.00 27.95
C GLU L 123 -15.22 7.66 27.22
N LEU L 124 -14.00 7.43 26.76
CA LEU L 124 -13.68 6.21 26.08
C LEU L 124 -13.27 5.24 27.17
N LEU L 125 -14.23 4.43 27.57
CA LEU L 125 -14.04 3.44 28.63
C LEU L 125 -13.56 2.09 28.14
N ASP L 126 -12.49 1.61 28.74
CA ASP L 126 -11.99 0.31 28.33
C ASP L 126 -12.16 -0.59 29.52
N VAL L 127 -12.65 -1.80 29.30
CA VAL L 127 -12.86 -2.75 30.37
C VAL L 127 -11.88 -3.90 30.24
N LYS L 128 -10.98 -4.05 31.21
CA LYS L 128 -9.99 -5.13 31.21
C LYS L 128 -10.37 -6.16 32.31
N THR L 129 -10.12 -7.43 32.07
CA THR L 129 -10.43 -8.44 33.06
C THR L 129 -9.11 -9.06 33.50
N ARG L 130 -9.05 -9.54 34.74
CA ARG L 130 -7.80 -10.09 35.25
C ARG L 130 -8.00 -11.35 36.04
N ASN L 131 -7.28 -12.41 35.67
CA ASN L 131 -7.38 -13.63 36.44
C ASN L 131 -6.48 -13.43 37.65
N ILE L 132 -7.08 -13.18 38.80
CA ILE L 132 -6.28 -12.96 39.99
C ILE L 132 -5.95 -14.25 40.72
N SER L 133 -6.31 -15.37 40.10
CA SER L 133 -6.00 -16.69 40.66
C SER L 133 -4.49 -16.75 40.68
N LYS L 134 -3.86 -16.22 39.63
CA LYS L 134 -2.40 -16.21 39.56
C LYS L 134 -1.81 -14.83 39.32
N SER L 135 -0.52 -14.71 39.60
CA SER L 135 0.20 -13.46 39.43
C SER L 135 0.69 -13.34 37.98
N ALA L 136 0.17 -12.36 37.25
CA ALA L 136 0.53 -12.19 35.84
C ALA L 136 1.00 -10.81 35.43
N GLN L 137 1.79 -10.78 34.36
CA GLN L 137 2.28 -9.51 33.84
C GLN L 137 1.08 -8.63 33.54
N ALA L 138 1.27 -7.32 33.65
CA ALA L 138 0.21 -6.36 33.36
C ALA L 138 -0.22 -6.49 31.89
N PRO L 139 -1.51 -6.28 31.61
CA PRO L 139 -2.00 -6.40 30.23
C PRO L 139 -1.73 -5.20 29.31
N ASN L 140 -2.06 -5.39 28.03
CA ASN L 140 -1.95 -4.33 27.04
C ASN L 140 -3.10 -3.39 27.42
N ILE L 141 -2.82 -2.09 27.45
CA ILE L 141 -3.82 -1.11 27.81
C ILE L 141 -4.26 -0.41 26.55
N ILE L 142 -3.28 0.08 25.79
CA ILE L 142 -3.54 0.75 24.54
C ILE L 142 -2.22 1.03 23.83
N SER L 143 -2.27 1.22 22.52
CA SER L 143 -1.06 1.47 21.75
C SER L 143 -0.34 2.79 22.11
N ALA L 144 0.94 2.69 22.46
CA ALA L 144 1.71 3.86 22.78
C ALA L 144 1.77 4.75 21.55
N TYR L 145 1.64 4.14 20.37
CA TYR L 145 1.66 4.85 19.08
C TYR L 145 0.38 5.64 18.85
N LYS L 146 -0.75 4.98 19.11
CA LYS L 146 -2.04 5.60 18.97
C LYS L 146 -2.09 6.84 19.88
N LEU L 147 -1.66 6.65 21.12
CA LEU L 147 -1.65 7.72 22.11
C LEU L 147 -0.77 8.84 21.60
N ALA L 148 0.40 8.48 21.08
CA ALA L 148 1.33 9.45 20.56
C ALA L 148 0.63 10.33 19.53
N GLN L 149 0.00 9.67 18.57
CA GLN L 149 -0.73 10.35 17.50
C GLN L 149 -1.91 11.14 18.03
N THR L 150 -2.55 10.62 19.06
CA THR L 150 -3.69 11.28 19.66
C THR L 150 -3.24 12.61 20.28
N CYS L 151 -2.16 12.56 21.02
CA CYS L 151 -1.63 13.73 21.68
C CYS L 151 -1.20 14.78 20.68
N ALA L 152 -0.47 14.37 19.64
CA ALA L 152 -0.02 15.32 18.63
C ALA L 152 -1.24 16.01 18.03
N LYS L 153 -2.28 15.23 17.75
CA LYS L 153 -3.49 15.82 17.16
C LYS L 153 -4.18 16.72 18.17
N MET L 154 -4.13 16.34 19.45
CA MET L 154 -4.75 17.17 20.47
C MET L 154 -4.07 18.55 20.41
N ILE L 155 -2.77 18.55 20.26
CA ILE L 155 -2.03 19.79 20.20
C ILE L 155 -2.29 20.57 18.92
N ASP L 156 -2.18 19.90 17.78
CA ASP L 156 -2.40 20.56 16.50
C ASP L 156 -3.75 21.26 16.41
N ASN L 157 -4.75 20.73 17.12
CA ASN L 157 -6.09 21.32 17.07
C ASN L 157 -6.48 21.97 18.38
N LYS L 158 -5.51 22.08 19.28
CA LYS L 158 -5.74 22.70 20.58
C LYS L 158 -6.98 22.14 21.25
N GLU L 159 -7.40 20.94 20.86
CA GLU L 159 -8.59 20.36 21.47
C GLU L 159 -8.35 19.46 22.66
N PHE L 160 -8.28 20.08 23.83
CA PHE L 160 -8.09 19.41 25.10
C PHE L 160 -9.48 19.62 25.70
N ASP L 161 -9.92 18.80 26.64
CA ASP L 161 -11.25 18.94 27.26
C ASP L 161 -12.41 18.34 26.42
N LEU L 162 -12.06 17.54 25.42
CA LEU L 162 -13.04 16.91 24.55
C LEU L 162 -13.39 15.49 24.99
N PHE L 163 -12.39 14.73 25.42
CA PHE L 163 -12.58 13.34 25.84
C PHE L 163 -11.59 12.88 26.90
N ASP L 164 -11.86 11.70 27.47
CA ASP L 164 -11.00 11.07 28.45
C ASP L 164 -10.94 9.58 28.14
N ILE L 165 -9.86 8.90 28.56
CA ILE L 165 -9.71 7.47 28.31
C ILE L 165 -9.64 6.83 29.66
N ASN L 166 -10.73 6.23 30.12
CA ASN L 166 -10.70 5.63 31.44
C ASN L 166 -10.71 4.11 31.46
N TYR L 167 -10.19 3.53 32.53
CA TYR L 167 -10.12 2.08 32.62
C TYR L 167 -10.77 1.43 33.82
N LEU L 168 -11.48 0.34 33.55
CA LEU L 168 -12.16 -0.44 34.61
C LEU L 168 -11.66 -1.89 34.55
N GLU L 169 -10.92 -2.29 35.57
CA GLU L 169 -10.37 -3.65 35.70
C GLU L 169 -11.33 -4.52 36.53
N VAL L 170 -11.69 -5.68 36.00
CA VAL L 170 -12.55 -6.60 36.72
C VAL L 170 -11.71 -7.83 37.09
N ASP L 171 -11.49 -8.04 38.39
CA ASP L 171 -10.71 -9.19 38.85
C ASP L 171 -11.65 -10.36 39.12
N TRP L 172 -11.21 -11.56 38.75
CA TRP L 172 -12.03 -12.75 38.98
C TRP L 172 -11.19 -13.98 39.29
N GLU L 173 -11.85 -15.03 39.78
CA GLU L 173 -11.18 -16.28 40.11
C GLU L 173 -12.14 -17.43 39.86
N LEU L 174 -11.61 -18.62 39.64
CA LEU L 174 -12.47 -19.78 39.37
C LEU L 174 -12.78 -20.56 40.63
N ASN L 175 -13.99 -20.43 41.15
CA ASN L 175 -14.38 -21.15 42.34
C ASN L 175 -15.14 -22.40 41.96
N GLY L 176 -14.41 -23.46 41.62
CA GLY L 176 -15.05 -24.70 41.23
C GLY L 176 -15.47 -24.72 39.76
N GLU L 177 -16.78 -24.68 39.52
CA GLU L 177 -17.32 -24.73 38.14
C GLU L 177 -17.52 -23.38 37.47
N ASP L 178 -17.65 -22.32 38.27
CA ASP L 178 -17.86 -20.99 37.71
C ASP L 178 -16.78 -20.00 38.11
N LEU L 179 -16.76 -18.87 37.40
CA LEU L 179 -15.79 -17.81 37.66
C LEU L 179 -16.44 -16.74 38.51
N VAL L 180 -15.73 -16.28 39.53
CA VAL L 180 -16.28 -15.24 40.40
C VAL L 180 -15.48 -13.95 40.37
N CYS L 181 -16.22 -12.85 40.25
CA CYS L 181 -15.62 -11.54 40.29
C CYS L 181 -15.42 -11.33 41.78
N VAL L 182 -14.27 -10.84 42.18
CA VAL L 182 -14.05 -10.63 43.61
C VAL L 182 -13.55 -9.24 43.90
N SER L 183 -13.12 -8.55 42.85
CA SER L 183 -12.59 -7.20 42.93
C SER L 183 -12.76 -6.44 41.62
N THR L 184 -12.61 -5.12 41.70
CA THR L 184 -12.71 -4.27 40.54
C THR L 184 -11.83 -3.08 40.81
N SER L 185 -11.52 -2.28 39.80
CA SER L 185 -10.67 -1.12 40.00
C SER L 185 -10.92 -0.11 38.88
N PHE L 186 -10.73 1.18 39.20
CA PHE L 186 -10.97 2.26 38.23
C PHE L 186 -9.83 3.27 38.13
N ALA L 187 -9.40 3.60 36.92
CA ALA L 187 -8.32 4.59 36.78
C ALA L 187 -8.55 5.45 35.54
N GLU L 188 -7.96 6.65 35.54
CA GLU L 188 -8.09 7.59 34.43
C GLU L 188 -6.68 7.78 33.89
N LEU L 189 -6.51 7.59 32.60
CA LEU L 189 -5.20 7.72 31.99
C LEU L 189 -4.57 9.10 32.10
N PHE L 190 -5.35 10.14 31.83
CA PHE L 190 -4.82 11.50 31.86
C PHE L 190 -4.59 12.04 33.27
N LYS L 191 -4.77 11.16 34.25
CA LYS L 191 -4.54 11.54 35.64
C LYS L 191 -3.21 10.91 36.11
N SER L 192 -2.66 10.00 35.31
CA SER L 192 -1.40 9.36 35.65
C SER L 192 -0.25 10.20 35.13
N GLU L 193 0.94 9.95 35.67
CA GLU L 193 2.15 10.65 35.29
C GLU L 193 2.56 10.01 33.97
N PRO L 194 2.39 10.73 32.85
CA PRO L 194 2.74 10.16 31.56
C PRO L 194 4.17 9.60 31.44
N SER L 195 5.15 10.32 31.97
CA SER L 195 6.53 9.85 31.87
C SER L 195 6.77 8.57 32.66
N GLU L 196 5.74 8.12 33.37
CA GLU L 196 5.82 6.91 34.21
C GLU L 196 5.21 5.66 33.54
N LEU L 197 4.54 5.86 32.42
CA LEU L 197 3.90 4.75 31.72
C LEU L 197 4.93 3.86 31.03
N TYR L 198 4.82 2.56 31.24
CA TYR L 198 5.74 1.63 30.61
C TYR L 198 5.26 1.27 29.22
N ILE L 199 6.14 1.37 28.24
CA ILE L 199 5.80 1.01 26.87
C ILE L 199 6.53 -0.29 26.56
N ASN L 200 5.78 -1.34 26.25
CA ASN L 200 6.35 -2.62 25.91
C ASN L 200 6.40 -2.59 24.38
N TRP L 201 7.55 -2.24 23.81
CA TRP L 201 7.63 -2.15 22.36
C TRP L 201 7.27 -3.43 21.57
N ALA L 202 7.60 -4.61 22.11
CA ALA L 202 7.29 -5.86 21.44
C ALA L 202 5.82 -6.25 21.49
N ALA L 203 5.16 -5.89 22.59
CA ALA L 203 3.75 -6.23 22.75
C ALA L 203 2.86 -5.19 22.07
N ALA L 204 2.90 -5.18 20.75
CA ALA L 204 2.10 -4.25 19.97
C ALA L 204 2.30 -2.80 20.40
N MET L 205 3.50 -2.47 20.88
CA MET L 205 3.83 -1.12 21.33
C MET L 205 2.84 -0.61 22.35
N GLN L 206 2.28 -1.56 23.08
CA GLN L 206 1.28 -1.27 24.09
C GLN L 206 1.85 -0.78 25.42
N ILE L 207 1.16 0.16 26.04
CA ILE L 207 1.63 0.58 27.34
C ILE L 207 0.95 -0.47 28.25
N GLN L 208 1.65 -0.92 29.28
CA GLN L 208 1.07 -1.93 30.16
C GLN L 208 1.05 -1.52 31.64
N PHE L 209 -0.03 -1.87 32.33
CA PHE L 209 -0.15 -1.60 33.75
C PHE L 209 -1.44 -2.17 34.32
N HIS L 210 -1.40 -2.63 35.56
CA HIS L 210 -2.61 -3.13 36.19
C HIS L 210 -3.29 -1.85 36.61
N VAL L 211 -4.61 -1.81 36.43
CA VAL L 211 -5.40 -0.65 36.77
C VAL L 211 -5.26 -0.21 38.22
N ARG L 212 -5.25 -1.14 39.16
CA ARG L 212 -5.14 -0.77 40.57
C ARG L 212 -3.79 -0.17 40.97
N ASP L 213 -2.84 -0.17 40.05
CA ASP L 213 -1.51 0.37 40.31
C ASP L 213 -1.25 1.66 39.52
N LEU L 214 -2.18 2.03 38.65
CA LEU L 214 -1.98 3.24 37.88
C LEU L 214 -2.00 4.41 38.84
N ASP L 215 -0.97 5.25 38.75
CA ASP L 215 -0.84 6.42 39.58
C ASP L 215 -1.84 7.50 39.14
N GLN L 216 -2.42 8.19 40.11
CA GLN L 216 -3.42 9.21 39.84
C GLN L 216 -3.09 10.55 40.50
N GLY L 217 -1.86 11.00 40.36
CA GLY L 217 -1.46 12.26 40.96
C GLY L 217 -0.72 13.20 40.01
N PHE L 218 -1.40 13.59 38.94
CA PHE L 218 -0.80 14.49 37.97
C PHE L 218 -1.43 15.86 38.18
N ASN L 219 -0.58 16.87 38.43
CA ASN L 219 -1.02 18.25 38.68
C ASN L 219 -0.70 19.20 37.52
N GLY L 220 -1.39 19.02 36.40
CA GLY L 220 -1.15 19.87 35.24
C GLY L 220 -2.31 19.94 34.28
N THR L 221 -2.09 20.55 33.13
CA THR L 221 -3.14 20.66 32.15
C THR L 221 -3.04 19.46 31.21
N ARG L 222 -4.14 19.19 30.50
CA ARG L 222 -4.19 18.08 29.53
C ARG L 222 -3.12 18.31 28.46
N GLU L 223 -2.91 19.56 28.06
CA GLU L 223 -1.91 19.92 27.06
C GLU L 223 -0.52 19.56 27.60
N GLU L 224 -0.32 19.81 28.90
CA GLU L 224 0.95 19.49 29.51
C GLU L 224 1.15 17.98 29.52
N TRP L 225 0.07 17.23 29.72
CA TRP L 225 0.10 15.77 29.74
C TRP L 225 0.55 15.26 28.38
N ALA L 226 -0.09 15.80 27.35
CA ALA L 226 0.20 15.40 26.00
C ALA L 226 1.64 15.69 25.58
N LYS L 227 2.17 16.84 25.96
CA LYS L 227 3.54 17.16 25.58
C LYS L 227 4.52 16.34 26.40
N SER L 228 4.19 16.14 27.67
CA SER L 228 5.06 15.37 28.51
C SER L 228 5.12 13.96 27.94
N TYR L 229 3.95 13.41 27.63
CA TYR L 229 3.88 12.07 27.07
C TYR L 229 4.71 11.85 25.79
N LEU L 230 4.66 12.80 24.84
CA LEU L 230 5.41 12.63 23.60
C LEU L 230 6.91 12.64 23.87
N LYS L 231 7.33 13.48 24.82
CA LYS L 231 8.74 13.56 25.20
C LYS L 231 9.15 12.14 25.63
N HIS L 232 8.33 11.54 26.51
CA HIS L 232 8.54 10.18 27.01
C HIS L 232 8.60 9.18 25.85
N PHE L 233 7.54 9.17 25.05
CA PHE L 233 7.41 8.28 23.88
C PHE L 233 8.63 8.39 22.97
N VAL L 234 8.97 9.60 22.56
CA VAL L 234 10.13 9.82 21.70
C VAL L 234 11.43 9.33 22.35
N THR L 235 11.58 9.56 23.65
CA THR L 235 12.78 9.11 24.36
C THR L 235 12.90 7.58 24.38
N GLN L 236 11.80 6.91 24.71
CA GLN L 236 11.78 5.46 24.76
C GLN L 236 11.94 4.80 23.39
N ALA L 237 11.48 5.50 22.35
CA ALA L 237 11.56 4.99 21.01
C ALA L 237 13.03 4.96 20.60
N GLU L 238 13.79 5.94 21.07
CA GLU L 238 15.22 6.00 20.76
C GLU L 238 15.92 4.90 21.54
N GLN L 239 15.47 4.68 22.76
CA GLN L 239 16.07 3.66 23.61
C GLN L 239 15.83 2.29 23.01
N ARG L 240 14.60 2.03 22.56
CA ARG L 240 14.29 0.73 21.99
C ARG L 240 15.15 0.47 20.76
N ALA L 241 15.32 1.49 19.92
CA ALA L 241 16.12 1.33 18.74
C ALA L 241 17.50 0.85 19.17
N ILE L 242 18.07 1.51 20.17
CA ILE L 242 19.39 1.13 20.66
C ILE L 242 19.31 -0.25 21.27
N SER L 243 18.28 -0.47 22.06
CA SER L 243 18.10 -1.73 22.73
C SER L 243 18.00 -2.88 21.72
N MET L 244 17.55 -2.57 20.50
CA MET L 244 17.40 -3.64 19.51
C MET L 244 18.69 -4.12 18.86
N ILE L 245 19.71 -3.27 18.81
CA ILE L 245 20.95 -3.69 18.19
C ILE L 245 21.76 -4.57 19.14
N ASP L 246 21.55 -4.43 20.44
CA ASP L 246 22.30 -5.22 21.38
C ASP L 246 21.61 -6.51 21.80
N LYS L 247 20.31 -6.60 21.57
CA LYS L 247 19.62 -7.82 21.96
C LYS L 247 19.32 -8.70 20.75
N PHE L 248 19.10 -8.08 19.59
CA PHE L 248 18.81 -8.84 18.37
C PHE L 248 19.88 -8.79 17.27
N VAL L 249 20.82 -7.86 17.35
CA VAL L 249 21.85 -7.78 16.33
C VAL L 249 23.15 -8.38 16.84
N LYS L 250 23.78 -7.67 17.76
CA LYS L 250 25.05 -8.05 18.35
C LYS L 250 25.21 -9.51 18.77
N PRO L 251 24.19 -10.10 19.42
CA PRO L 251 24.32 -11.50 19.85
C PRO L 251 24.23 -12.57 18.76
N PHE L 252 23.73 -12.20 17.59
CA PHE L 252 23.61 -13.20 16.52
C PHE L 252 24.60 -12.97 15.40
N LYS L 253 25.23 -11.80 15.39
CA LYS L 253 26.20 -11.50 14.33
C LYS L 253 27.29 -12.54 14.11
N LYS L 254 27.69 -13.27 15.16
CA LYS L 254 28.74 -14.26 14.96
C LYS L 254 28.35 -15.41 14.02
N TYR L 255 27.09 -15.42 13.57
CA TYR L 255 26.58 -16.45 12.68
C TYR L 255 26.59 -16.04 11.20
N ILE L 256 27.25 -14.94 10.87
CA ILE L 256 27.34 -14.48 9.49
C ILE L 256 28.80 -14.40 9.04
MN MN M . 1.06 -0.07 -25.54
MN MN N . -4.41 2.75 -25.22
MN MN O . 19.61 16.10 -35.73
MN MN P . -2.48 20.70 -20.35
MN MN Q . -5.93 20.71 -23.86
MN MN R . -4.29 16.61 -25.33
MN MN S . 9.92 -13.87 40.11
MN MN T . -15.18 -6.09 24.10
MN MN U . -13.17 -9.68 22.44
MN MN V . -6.55 -22.86 21.94
MN MN W . -6.14 -20.28 23.53
MN MN X . -6.34 19.45 -19.87
MN MN Y . 18.78 35.27 -28.31
MN MN Z . 0.91 1.43 -29.29
MN MN AA . -2.14 -15.47 -3.19
MN MN BA . -2.86 4.94 -23.76
MN MN CA . 19.65 -23.72 38.06
MN MN DA . -0.45 -22.00 20.17
MN MN EA . -3.64 -23.07 17.86
MN MN FA . -11.33 10.81 0.29
MN MN GA . -12.55 -5.07 26.99
MN MN HA . -11.26 -3.28 23.82
#